data_2ZYD
#
_entry.id   2ZYD
#
_cell.length_a   68.452
_cell.length_b   118.609
_cell.length_c   119.996
_cell.angle_alpha   90.00
_cell.angle_beta   90.00
_cell.angle_gamma   90.00
#
_symmetry.space_group_name_H-M   'P 21 21 21'
#
loop_
_entity.id
_entity.type
_entity.pdbx_description
1 polymer '6-phosphogluconate dehydrogenase, decarboxylating'
2 non-polymer D-glucose
3 water water
#
_entity_poly.entity_id   1
_entity_poly.type   'polypeptide(L)'
_entity_poly.pdbx_seq_one_letter_code
;MGHHHHHHHHHHMSKQQIGVVGMAVMGRNLALNIESRGYTVSIFNRSREKTEEVIAENPGKKLVPYYTVKEFVESLETPR
RILLMVKAGAGTDAAIDSLKPYLDKGDIIIDGGNTFFQDTIRRNRELSAEGFNFIGTGVSGGEEGALKGPSIMPGGQKEA
YELVAPILTKIAAVAEDGEPCVTYIGADGAGHYVKMVHNGIEYGDMQLIAEAYSLLKGGLNLTNEELAQTFTEWNNGELS
SYLIDITKDIFTKKDEDGNYLVDVILDEAANKGTGKWTSQSALDLGEPLSLITESVFARYISSLKDQRVAASKVLSGPQA
QPAGDKAEFIEKVRRALYLGKIVSYAQGFSQLRAASEEYNWDLNYGEIAKIFRAGCIIRAQFLQKITDACAENPQIANLL
LAPYFKQIADDYQQALRDVVAYAVQNGIPVPTFSAAVAYYDSYRAAVLPANLIQAQRDYFGAHTYKRIDKEGVFHTEWLD
;
_entity_poly.pdbx_strand_id   A,B
#
# COMPACT_ATOMS: atom_id res chain seq x y z
N LYS A 15 47.35 -15.19 -1.50
CA LYS A 15 45.89 -15.14 -1.84
C LYS A 15 45.25 -13.86 -1.33
N GLN A 16 44.09 -13.53 -1.87
CA GLN A 16 43.36 -12.32 -1.49
C GLN A 16 42.37 -12.58 -0.37
N GLN A 17 42.19 -11.61 0.52
CA GLN A 17 41.25 -11.77 1.63
C GLN A 17 39.80 -11.65 1.21
N ILE A 18 39.56 -11.08 0.03
CA ILE A 18 38.21 -10.92 -0.46
C ILE A 18 38.16 -10.75 -1.97
N GLY A 19 37.09 -11.26 -2.57
CA GLY A 19 36.89 -11.14 -4.00
C GLY A 19 35.51 -10.59 -4.32
N VAL A 20 35.40 -9.87 -5.44
CA VAL A 20 34.14 -9.29 -5.87
C VAL A 20 33.70 -9.92 -7.21
N VAL A 21 32.45 -10.39 -7.28
CA VAL A 21 31.88 -10.96 -8.48
C VAL A 21 30.86 -9.96 -9.08
N GLY A 22 30.99 -9.64 -10.37
CA GLY A 22 30.07 -8.68 -11.00
C GLY A 22 30.81 -7.36 -11.17
N MET A 23 31.25 -7.07 -12.39
CA MET A 23 32.01 -5.85 -12.58
C MET A 23 31.26 -4.71 -13.24
N ALA A 24 29.94 -4.70 -13.08
CA ALA A 24 29.13 -3.59 -13.58
C ALA A 24 29.60 -2.47 -12.66
N VAL A 25 29.02 -1.27 -12.75
CA VAL A 25 29.54 -0.16 -11.92
C VAL A 25 29.59 -0.32 -10.39
N MET A 26 28.53 -0.84 -9.77
CA MET A 26 28.54 -0.98 -8.32
C MET A 26 29.65 -1.91 -7.82
N GLY A 27 29.78 -3.07 -8.46
CA GLY A 27 30.81 -4.01 -8.06
C GLY A 27 32.22 -3.45 -8.21
N ARG A 28 32.53 -2.88 -9.39
CA ARG A 28 33.86 -2.32 -9.60
C ARG A 28 34.19 -1.23 -8.62
N ASN A 29 33.20 -0.40 -8.28
CA ASN A 29 33.45 0.66 -7.33
C ASN A 29 33.71 0.12 -5.91
N LEU A 30 32.98 -0.93 -5.52
CA LEU A 30 33.17 -1.50 -4.20
C LEU A 30 34.59 -2.07 -4.16
N ALA A 31 34.97 -2.78 -5.23
CA ALA A 31 36.32 -3.36 -5.34
C ALA A 31 37.38 -2.27 -5.21
N LEU A 32 37.21 -1.16 -5.92
CA LEU A 32 38.18 -0.05 -5.78
C LEU A 32 38.21 0.53 -4.39
N ASN A 33 37.05 0.60 -3.74
CA ASN A 33 36.97 1.12 -2.38
C ASN A 33 37.82 0.21 -1.45
N ILE A 34 37.59 -1.08 -1.54
CA ILE A 34 38.34 -2.04 -0.72
C ILE A 34 39.84 -1.95 -1.03
N GLU A 35 40.19 -1.96 -2.32
CA GLU A 35 41.60 -1.87 -2.69
C GLU A 35 42.20 -0.61 -2.11
N SER A 36 41.43 0.47 -2.18
CA SER A 36 41.88 1.77 -1.67
C SER A 36 42.23 1.72 -0.20
N ARG A 37 41.76 0.70 0.51
CA ARG A 37 42.05 0.65 1.93
C ARG A 37 43.33 -0.12 2.25
N GLY A 38 43.92 -0.71 1.22
CA GLY A 38 45.16 -1.45 1.42
C GLY A 38 45.07 -2.91 1.06
N TYR A 39 43.93 -3.37 0.57
CA TYR A 39 43.79 -4.77 0.22
C TYR A 39 43.93 -5.05 -1.26
N THR A 40 44.34 -6.28 -1.57
CA THR A 40 44.47 -6.76 -2.93
C THR A 40 43.16 -7.51 -3.11
N VAL A 41 42.49 -7.29 -4.24
CA VAL A 41 41.18 -7.87 -4.49
C VAL A 41 41.00 -8.70 -5.74
N SER A 42 40.49 -9.93 -5.59
CA SER A 42 40.22 -10.77 -6.74
C SER A 42 38.93 -10.31 -7.38
N ILE A 43 38.90 -10.17 -8.70
CA ILE A 43 37.64 -9.76 -9.35
C ILE A 43 37.33 -10.74 -10.44
N PHE A 44 36.05 -10.91 -10.71
CA PHE A 44 35.58 -11.83 -11.71
C PHE A 44 34.28 -11.27 -12.23
N ASN A 45 33.91 -11.67 -13.44
CA ASN A 45 32.66 -11.23 -14.06
C ASN A 45 32.26 -12.29 -15.08
N ARG A 46 30.96 -12.48 -15.26
CA ARG A 46 30.47 -13.46 -16.21
C ARG A 46 30.94 -13.12 -17.62
N SER A 47 31.02 -11.81 -17.91
CA SER A 47 31.47 -11.32 -19.21
C SER A 47 32.94 -10.93 -19.10
N ARG A 48 33.80 -11.71 -19.76
CA ARG A 48 35.23 -11.47 -19.76
C ARG A 48 35.62 -10.02 -20.06
N GLU A 49 34.84 -9.37 -20.92
CA GLU A 49 35.09 -7.99 -21.34
C GLU A 49 35.17 -6.95 -20.22
N LYS A 50 34.10 -6.82 -19.45
CA LYS A 50 34.05 -5.85 -18.34
C LYS A 50 35.23 -5.98 -17.39
N THR A 51 35.64 -7.22 -17.11
CA THR A 51 36.77 -7.48 -16.22
C THR A 51 38.03 -6.88 -16.82
N GLU A 52 38.22 -7.10 -18.12
CA GLU A 52 39.36 -6.58 -18.85
C GLU A 52 39.31 -5.05 -18.85
N GLU A 53 38.12 -4.50 -19.08
CA GLU A 53 37.94 -3.06 -19.10
C GLU A 53 38.32 -2.41 -17.79
N VAL A 54 37.97 -3.07 -16.69
CA VAL A 54 38.26 -2.53 -15.36
C VAL A 54 39.75 -2.43 -15.10
N ILE A 55 40.49 -3.51 -15.36
CA ILE A 55 41.94 -3.53 -15.16
C ILE A 55 42.66 -2.37 -15.86
N ALA A 56 42.27 -2.11 -17.10
CA ALA A 56 42.87 -1.04 -17.90
C ALA A 56 42.67 0.34 -17.27
N GLU A 57 41.43 0.63 -16.88
CA GLU A 57 41.10 1.91 -16.28
C GLU A 57 41.86 2.25 -14.99
N ASN A 58 42.28 1.23 -14.26
CA ASN A 58 43.01 1.48 -13.01
C ASN A 58 44.34 0.76 -12.95
N PRO A 59 45.37 1.35 -13.58
CA PRO A 59 46.68 0.71 -13.55
C PRO A 59 47.34 0.97 -12.19
N GLY A 60 48.02 -0.04 -11.67
CA GLY A 60 48.67 0.13 -10.37
C GLY A 60 47.82 -0.24 -9.16
N LYS A 61 46.50 -0.34 -9.35
CA LYS A 61 45.63 -0.71 -8.24
C LYS A 61 45.74 -2.22 -8.11
N LYS A 62 45.88 -2.73 -6.88
CA LYS A 62 46.00 -4.16 -6.73
C LYS A 62 44.68 -4.91 -6.94
N LEU A 63 44.34 -5.13 -8.21
CA LEU A 63 43.12 -5.85 -8.60
C LEU A 63 43.48 -7.07 -9.42
N VAL A 64 43.37 -8.25 -8.84
CA VAL A 64 43.71 -9.46 -9.57
C VAL A 64 42.51 -10.07 -10.29
N PRO A 65 42.53 -10.01 -11.63
CA PRO A 65 41.47 -10.54 -12.51
C PRO A 65 41.51 -12.04 -12.73
N TYR A 66 40.36 -12.69 -12.71
CA TYR A 66 40.30 -14.12 -12.95
C TYR A 66 39.21 -14.26 -13.99
N TYR A 67 39.35 -15.23 -14.88
CA TYR A 67 38.37 -15.38 -15.92
C TYR A 67 37.62 -16.67 -15.86
N THR A 68 37.76 -17.35 -14.72
CA THR A 68 37.06 -18.58 -14.47
C THR A 68 36.62 -18.56 -13.01
N VAL A 69 35.41 -19.04 -12.76
CA VAL A 69 34.88 -19.06 -11.40
C VAL A 69 35.77 -19.91 -10.50
N LYS A 70 36.28 -21.02 -11.04
CA LYS A 70 37.16 -21.91 -10.29
C LYS A 70 38.42 -21.17 -9.84
N GLU A 71 39.10 -20.52 -10.77
CA GLU A 71 40.32 -19.80 -10.40
C GLU A 71 40.02 -18.63 -9.48
N PHE A 72 38.86 -18.02 -9.68
CA PHE A 72 38.42 -16.91 -8.84
C PHE A 72 38.33 -17.37 -7.39
N VAL A 73 37.60 -18.46 -7.16
CA VAL A 73 37.40 -19.02 -5.82
C VAL A 73 38.69 -19.50 -5.18
N GLU A 74 39.52 -20.20 -5.94
CA GLU A 74 40.78 -20.70 -5.37
C GLU A 74 41.73 -19.58 -5.02
N SER A 75 41.51 -18.39 -5.59
CA SER A 75 42.36 -17.23 -5.31
C SER A 75 42.13 -16.63 -3.94
N LEU A 76 41.11 -17.12 -3.24
CA LEU A 76 40.73 -16.56 -1.95
C LEU A 76 41.11 -17.31 -0.66
N GLU A 77 41.56 -16.54 0.32
CA GLU A 77 41.92 -17.10 1.63
C GLU A 77 40.67 -17.59 2.37
N THR A 78 40.72 -18.80 2.90
CA THR A 78 39.58 -19.35 3.65
C THR A 78 39.59 -18.77 5.07
N PRO A 79 38.40 -18.53 5.64
CA PRO A 79 37.06 -18.74 5.09
C PRO A 79 36.91 -17.66 4.01
N ARG A 80 36.54 -18.10 2.82
CA ARG A 80 36.40 -17.23 1.66
C ARG A 80 35.30 -16.18 1.86
N ARG A 81 35.59 -14.98 1.39
CA ARG A 81 34.64 -13.86 1.46
C ARG A 81 34.44 -13.39 0.05
N ILE A 82 33.26 -13.69 -0.49
CA ILE A 82 32.94 -13.34 -1.87
C ILE A 82 31.80 -12.32 -1.91
N LEU A 83 32.11 -11.08 -2.30
CA LEU A 83 31.11 -10.02 -2.41
C LEU A 83 30.48 -10.10 -3.78
N LEU A 84 29.19 -10.43 -3.80
CA LEU A 84 28.44 -10.65 -5.02
C LEU A 84 27.64 -9.40 -5.37
N MET A 85 28.06 -8.73 -6.44
CA MET A 85 27.41 -7.51 -6.88
C MET A 85 26.80 -7.63 -8.24
N VAL A 86 26.17 -8.76 -8.51
CA VAL A 86 25.49 -9.00 -9.77
C VAL A 86 24.18 -8.25 -9.58
N LYS A 87 23.38 -8.11 -10.65
CA LYS A 87 22.13 -7.39 -10.47
C LYS A 87 21.13 -8.29 -9.80
N ALA A 88 20.55 -7.79 -8.71
CA ALA A 88 19.56 -8.55 -7.97
C ALA A 88 18.58 -9.05 -9.01
N GLY A 89 18.23 -10.33 -8.95
CA GLY A 89 17.31 -10.90 -9.91
C GLY A 89 17.38 -12.41 -9.91
N ALA A 90 17.79 -12.98 -11.04
CA ALA A 90 17.96 -14.44 -11.17
C ALA A 90 19.45 -14.65 -11.45
N GLY A 91 20.14 -13.55 -11.72
CA GLY A 91 21.56 -13.61 -11.96
C GLY A 91 22.27 -13.79 -10.63
N THR A 92 21.51 -13.71 -9.54
CA THR A 92 22.09 -13.90 -8.23
C THR A 92 22.15 -15.39 -7.94
N ASP A 93 21.04 -16.08 -8.20
CA ASP A 93 21.01 -17.53 -7.95
C ASP A 93 21.89 -18.26 -8.95
N ALA A 94 22.20 -17.60 -10.07
CA ALA A 94 23.03 -18.21 -11.09
C ALA A 94 24.46 -18.11 -10.63
N ALA A 95 24.85 -16.94 -10.12
CA ALA A 95 26.20 -16.71 -9.61
C ALA A 95 26.49 -17.61 -8.41
N ILE A 96 25.49 -17.79 -7.54
CA ILE A 96 25.65 -18.67 -6.38
C ILE A 96 25.73 -20.12 -6.88
N ASP A 97 24.88 -20.48 -7.84
CA ASP A 97 24.87 -21.83 -8.40
C ASP A 97 26.24 -22.21 -8.97
N SER A 98 26.93 -21.23 -9.54
CA SER A 98 28.22 -21.48 -10.15
C SER A 98 29.37 -21.56 -9.14
N LEU A 99 29.21 -20.89 -8.00
CA LEU A 99 30.21 -20.85 -6.94
C LEU A 99 30.21 -22.11 -6.08
N LYS A 100 29.02 -22.59 -5.72
CA LYS A 100 28.87 -23.75 -4.83
C LYS A 100 29.83 -24.94 -4.99
N PRO A 101 30.03 -25.45 -6.22
CA PRO A 101 30.95 -26.59 -6.35
C PRO A 101 32.40 -26.37 -5.91
N TYR A 102 32.85 -25.11 -5.88
CA TYR A 102 34.23 -24.78 -5.49
C TYR A 102 34.38 -24.26 -4.06
N LEU A 103 33.27 -24.11 -3.36
CA LEU A 103 33.34 -23.58 -2.01
C LEU A 103 33.52 -24.65 -0.97
N ASP A 104 34.13 -24.26 0.15
CA ASP A 104 34.30 -25.15 1.29
C ASP A 104 33.37 -24.69 2.42
N LYS A 105 32.94 -25.64 3.23
CA LYS A 105 32.07 -25.39 4.38
C LYS A 105 32.64 -24.21 5.14
N GLY A 106 31.78 -23.23 5.43
CA GLY A 106 32.25 -22.07 6.17
C GLY A 106 32.49 -20.85 5.28
N ASP A 107 32.59 -21.05 3.97
CA ASP A 107 32.80 -19.90 3.09
C ASP A 107 31.58 -18.95 3.21
N ILE A 108 31.79 -17.71 2.85
CA ILE A 108 30.76 -16.68 3.00
C ILE A 108 30.47 -15.93 1.71
N ILE A 109 29.22 -16.00 1.27
CA ILE A 109 28.83 -15.25 0.07
C ILE A 109 28.13 -13.97 0.61
N ILE A 110 28.46 -12.81 0.07
CA ILE A 110 27.86 -11.56 0.57
C ILE A 110 27.15 -10.91 -0.61
N ASP A 111 25.81 -10.88 -0.60
CA ASP A 111 25.03 -10.31 -1.70
C ASP A 111 24.73 -8.86 -1.42
N GLY A 112 25.40 -7.96 -2.16
CA GLY A 112 25.23 -6.54 -1.96
C GLY A 112 24.21 -5.92 -2.90
N GLY A 113 23.43 -6.74 -3.58
CA GLY A 113 22.40 -6.23 -4.49
C GLY A 113 21.21 -5.64 -3.73
N ASN A 114 20.30 -4.96 -4.45
CA ASN A 114 19.13 -4.37 -3.76
C ASN A 114 18.11 -5.47 -3.83
N THR A 115 18.37 -6.52 -3.08
CA THR A 115 17.56 -7.72 -3.14
C THR A 115 16.32 -7.71 -2.25
N PHE A 116 15.23 -8.32 -2.72
CA PHE A 116 14.03 -8.42 -1.90
C PHE A 116 14.40 -9.32 -0.72
N PHE A 117 14.07 -8.91 0.49
CA PHE A 117 14.54 -9.67 1.71
C PHE A 117 14.06 -11.09 1.81
N GLN A 118 12.92 -11.43 1.23
CA GLN A 118 12.44 -12.82 1.31
C GLN A 118 13.32 -13.72 0.47
N ASP A 119 13.89 -13.17 -0.58
CA ASP A 119 14.79 -13.99 -1.40
C ASP A 119 16.05 -14.25 -0.59
N THR A 120 16.50 -13.29 0.20
CA THR A 120 17.71 -13.45 1.04
C THR A 120 17.42 -14.44 2.14
N ILE A 121 16.21 -14.42 2.67
CA ILE A 121 15.86 -15.41 3.70
C ILE A 121 15.94 -16.81 3.09
N ARG A 122 15.45 -16.98 1.88
CA ARG A 122 15.48 -18.28 1.21
C ARG A 122 16.92 -18.74 0.95
N ARG A 123 17.73 -17.88 0.38
CA ARG A 123 19.12 -18.22 0.07
C ARG A 123 19.93 -18.52 1.32
N ASN A 124 19.72 -17.74 2.38
CA ASN A 124 20.47 -17.98 3.59
C ASN A 124 20.09 -19.37 4.16
N ARG A 125 18.83 -19.73 4.11
CA ARG A 125 18.36 -21.03 4.59
C ARG A 125 18.94 -22.18 3.76
N GLU A 126 18.88 -22.02 2.44
CA GLU A 126 19.37 -23.09 1.55
C GLU A 126 20.86 -23.31 1.66
N LEU A 127 21.63 -22.22 1.66
CA LEU A 127 23.08 -22.26 1.74
C LEU A 127 23.53 -22.81 3.09
N SER A 128 22.87 -22.42 4.18
CA SER A 128 23.24 -22.90 5.50
C SER A 128 23.15 -24.43 5.54
N ALA A 129 22.12 -24.98 4.92
CA ALA A 129 21.92 -26.43 4.91
C ALA A 129 23.04 -27.15 4.19
N GLU A 130 23.75 -26.40 3.34
CA GLU A 130 24.88 -26.94 2.57
C GLU A 130 26.19 -26.54 3.20
N GLY A 131 26.11 -25.90 4.35
CA GLY A 131 27.29 -25.48 5.08
C GLY A 131 27.96 -24.18 4.66
N PHE A 132 27.24 -23.31 3.95
CA PHE A 132 27.80 -22.03 3.52
C PHE A 132 27.05 -20.89 4.25
N ASN A 133 27.75 -19.79 4.50
CA ASN A 133 27.21 -18.60 5.15
C ASN A 133 26.76 -17.66 4.06
N PHE A 134 25.77 -16.82 4.38
CA PHE A 134 25.24 -15.91 3.37
C PHE A 134 24.84 -14.63 4.05
N ILE A 135 25.45 -13.54 3.61
CA ILE A 135 25.11 -12.24 4.22
C ILE A 135 24.42 -11.41 3.14
N GLY A 136 23.15 -11.05 3.34
CA GLY A 136 22.52 -10.18 2.35
C GLY A 136 22.74 -8.80 2.92
N THR A 137 23.33 -7.88 2.13
CA THR A 137 23.60 -6.55 2.65
C THR A 137 23.15 -5.43 1.75
N GLY A 138 22.58 -4.42 2.38
CA GLY A 138 22.24 -3.25 1.61
C GLY A 138 23.50 -2.40 1.53
N VAL A 139 23.62 -1.66 0.43
CA VAL A 139 24.75 -0.77 0.25
C VAL A 139 24.08 0.49 -0.29
N SER A 140 24.13 1.57 0.49
CA SER A 140 23.47 2.80 0.07
C SER A 140 24.45 3.91 -0.11
N GLY A 141 24.21 4.74 -1.12
CA GLY A 141 25.11 5.86 -1.32
C GLY A 141 25.32 6.24 -2.78
N GLY A 142 24.82 5.40 -3.69
CA GLY A 142 24.98 5.66 -5.11
C GLY A 142 26.28 5.06 -5.64
N GLU A 143 26.47 5.11 -6.96
CA GLU A 143 27.70 4.60 -7.59
C GLU A 143 28.92 5.26 -6.93
N GLU A 144 28.78 6.54 -6.64
CA GLU A 144 29.84 7.29 -6.03
C GLU A 144 30.03 6.90 -4.59
N GLY A 145 28.93 6.62 -3.90
CA GLY A 145 29.03 6.25 -2.50
C GLY A 145 29.77 4.93 -2.39
N ALA A 146 29.44 4.01 -3.28
CA ALA A 146 30.10 2.71 -3.23
C ALA A 146 31.62 2.92 -3.28
N LEU A 147 32.06 3.88 -4.08
CA LEU A 147 33.50 4.12 -4.26
C LEU A 147 34.19 4.82 -3.09
N LYS A 148 33.51 5.76 -2.44
CA LYS A 148 34.11 6.54 -1.36
C LYS A 148 33.73 6.14 0.05
N GLY A 149 32.55 5.57 0.22
CA GLY A 149 32.15 5.22 1.57
C GLY A 149 30.64 5.20 1.69
N PRO A 150 30.05 4.02 1.52
CA PRO A 150 28.61 3.84 1.61
C PRO A 150 28.18 3.48 3.03
N SER A 151 26.87 3.41 3.21
CA SER A 151 26.31 2.95 4.47
C SER A 151 26.05 1.48 4.11
N ILE A 152 26.44 0.53 5.00
CA ILE A 152 26.38 -0.89 4.72
C ILE A 152 25.51 -1.52 5.80
N MET A 153 24.52 -2.27 5.35
CA MET A 153 23.47 -2.86 6.23
C MET A 153 23.41 -4.37 6.01
N PRO A 154 24.30 -5.11 6.70
CA PRO A 154 24.37 -6.54 6.54
C PRO A 154 23.59 -7.40 7.53
N GLY A 155 22.91 -8.43 7.00
CA GLY A 155 22.24 -9.43 7.85
C GLY A 155 22.68 -10.83 7.44
N GLY A 156 22.67 -11.79 8.36
CA GLY A 156 23.04 -13.17 8.02
C GLY A 156 23.65 -13.71 9.27
N GLN A 157 24.57 -14.67 9.14
CA GLN A 157 25.19 -15.24 10.32
C GLN A 157 26.09 -14.23 10.98
N LYS A 158 25.88 -14.00 12.27
CA LYS A 158 26.70 -13.01 12.96
C LYS A 158 28.19 -13.36 12.92
N GLU A 159 28.47 -14.64 13.09
CA GLU A 159 29.89 -15.03 13.07
C GLU A 159 30.57 -14.71 11.76
N ALA A 160 29.83 -14.86 10.67
CA ALA A 160 30.36 -14.56 9.33
C ALA A 160 30.52 -13.04 9.21
N TYR A 161 29.53 -12.30 9.72
CA TYR A 161 29.66 -10.86 9.70
C TYR A 161 30.91 -10.41 10.49
N GLU A 162 31.14 -10.96 11.69
CA GLU A 162 32.29 -10.52 12.48
C GLU A 162 33.61 -10.89 11.76
N LEU A 163 33.60 -11.94 10.97
CA LEU A 163 34.82 -12.34 10.26
C LEU A 163 35.17 -11.32 9.22
N VAL A 164 34.17 -10.81 8.49
CA VAL A 164 34.45 -9.83 7.42
C VAL A 164 34.33 -8.37 7.88
N ALA A 165 33.90 -8.15 9.12
CA ALA A 165 33.73 -6.81 9.62
C ALA A 165 34.96 -5.89 9.55
N PRO A 166 36.17 -6.46 9.64
CA PRO A 166 37.30 -5.51 9.58
C PRO A 166 37.37 -4.84 8.21
N ILE A 167 37.00 -5.56 7.19
CA ILE A 167 37.03 -5.01 5.85
C ILE A 167 35.84 -4.04 5.70
N LEU A 168 34.67 -4.46 6.14
CA LEU A 168 33.50 -3.54 6.01
C LEU A 168 33.65 -2.23 6.79
N THR A 169 34.22 -2.29 7.99
CA THR A 169 34.37 -1.09 8.79
C THR A 169 35.35 -0.09 8.17
N LYS A 170 36.27 -0.57 7.36
CA LYS A 170 37.20 0.34 6.76
C LYS A 170 36.68 0.97 5.46
N ILE A 171 35.73 0.32 4.77
CA ILE A 171 35.23 0.89 3.51
C ILE A 171 33.96 1.72 3.69
N ALA A 172 33.35 1.62 4.85
CA ALA A 172 32.08 2.36 5.08
C ALA A 172 32.32 3.83 5.27
N ALA A 173 31.25 4.63 5.17
CA ALA A 173 31.33 6.04 5.44
C ALA A 173 31.48 6.20 6.95
N VAL A 174 31.94 7.35 7.40
CA VAL A 174 32.09 7.55 8.83
C VAL A 174 31.21 8.71 9.30
N ALA A 175 30.53 8.53 10.44
CA ALA A 175 29.70 9.58 11.02
C ALA A 175 30.56 10.60 11.79
N GLU A 176 29.93 11.71 12.20
CA GLU A 176 30.65 12.76 12.94
C GLU A 176 31.42 12.24 14.15
N ASP A 177 30.80 11.34 14.91
CA ASP A 177 31.44 10.80 16.12
C ASP A 177 32.53 9.78 15.83
N GLY A 178 32.94 9.67 14.57
CA GLY A 178 33.98 8.74 14.21
C GLY A 178 33.51 7.32 13.94
N GLU A 179 32.24 7.02 14.24
CA GLU A 179 31.76 5.65 14.02
C GLU A 179 31.44 5.29 12.59
N PRO A 180 32.00 4.18 12.10
CA PRO A 180 31.76 3.72 10.72
C PRO A 180 30.24 3.37 10.58
N CYS A 181 29.70 3.71 9.40
CA CYS A 181 28.28 3.42 9.08
C CYS A 181 28.04 2.00 8.60
N VAL A 182 28.40 1.04 9.48
CA VAL A 182 28.10 -0.34 9.23
C VAL A 182 27.95 -0.99 10.59
N THR A 183 27.03 -1.96 10.67
CA THR A 183 26.85 -2.65 11.95
C THR A 183 26.11 -3.96 11.66
N TYR A 184 26.21 -4.98 12.54
CA TYR A 184 25.47 -6.21 12.26
C TYR A 184 23.97 -5.88 12.47
N ILE A 185 23.14 -6.07 11.44
CA ILE A 185 21.72 -5.72 11.57
C ILE A 185 20.92 -6.81 12.26
N GLY A 186 21.15 -8.05 11.84
CA GLY A 186 20.40 -9.16 12.37
C GLY A 186 20.54 -10.36 11.49
N ALA A 187 19.80 -11.40 11.80
CA ALA A 187 19.90 -12.66 11.04
C ALA A 187 19.30 -12.60 9.66
N ASP A 188 19.65 -13.57 8.83
CA ASP A 188 19.07 -13.79 7.53
C ASP A 188 18.78 -12.50 6.71
N GLY A 189 17.52 -12.20 6.43
CA GLY A 189 17.22 -11.05 5.55
C GLY A 189 17.07 -9.72 6.24
N ALA A 190 17.50 -9.58 7.49
CA ALA A 190 17.32 -8.30 8.20
C ALA A 190 18.02 -7.10 7.54
N GLY A 191 19.22 -7.32 7.00
CA GLY A 191 19.94 -6.25 6.34
C GLY A 191 19.21 -5.79 5.08
N HIS A 192 18.77 -6.72 4.24
CA HIS A 192 18.06 -6.30 3.02
C HIS A 192 16.69 -5.69 3.38
N TYR A 193 16.12 -6.05 4.52
CA TYR A 193 14.86 -5.42 4.93
C TYR A 193 15.13 -3.97 5.30
N VAL A 194 16.20 -3.70 6.05
CA VAL A 194 16.54 -2.34 6.46
C VAL A 194 16.88 -1.49 5.22
N LYS A 195 17.57 -2.06 4.23
CA LYS A 195 17.88 -1.33 3.02
C LYS A 195 16.58 -0.95 2.33
N MET A 196 15.62 -1.85 2.32
CA MET A 196 14.33 -1.55 1.70
C MET A 196 13.66 -0.38 2.43
N VAL A 197 13.62 -0.40 3.74
CA VAL A 197 13.01 0.68 4.49
C VAL A 197 13.77 1.98 4.23
N HIS A 198 15.10 1.92 4.11
CA HIS A 198 15.84 3.15 3.81
C HIS A 198 15.32 3.71 2.47
N ASN A 199 15.11 2.82 1.51
CA ASN A 199 14.59 3.27 0.21
C ASN A 199 13.18 3.82 0.31
N GLY A 200 12.32 3.23 1.13
CA GLY A 200 10.98 3.79 1.33
C GLY A 200 11.10 5.20 1.95
N ILE A 201 11.92 5.33 3.00
CA ILE A 201 12.11 6.62 3.63
C ILE A 201 12.68 7.68 2.63
N GLU A 202 13.59 7.26 1.75
CA GLU A 202 14.13 8.15 0.71
C GLU A 202 12.98 8.65 -0.19
N TYR A 203 12.07 7.76 -0.59
CA TYR A 203 10.95 8.21 -1.47
C TYR A 203 10.11 9.24 -0.70
N GLY A 204 9.87 9.02 0.59
CA GLY A 204 9.10 9.97 1.41
C GLY A 204 9.79 11.35 1.54
N ASP A 205 11.10 11.37 1.75
CA ASP A 205 11.80 12.61 1.88
C ASP A 205 11.78 13.40 0.57
N MET A 206 11.95 12.70 -0.55
CA MET A 206 11.92 13.37 -1.84
C MET A 206 10.54 13.94 -2.09
N GLN A 207 9.47 13.21 -1.73
CA GLN A 207 8.14 13.77 -2.02
C GLN A 207 7.86 14.95 -1.12
N LEU A 208 8.32 14.89 0.13
CA LEU A 208 8.09 16.02 1.06
C LEU A 208 8.78 17.28 0.52
N ILE A 209 10.02 17.10 0.02
CA ILE A 209 10.71 18.24 -0.57
C ILE A 209 10.00 18.73 -1.81
N ALA A 210 9.42 17.81 -2.58
CA ALA A 210 8.72 18.21 -3.81
C ALA A 210 7.49 19.04 -3.46
N GLU A 211 6.77 18.69 -2.38
CA GLU A 211 5.61 19.49 -1.97
C GLU A 211 6.07 20.84 -1.48
N ALA A 212 7.19 20.91 -0.76
CA ALA A 212 7.67 22.23 -0.37
C ALA A 212 7.98 23.08 -1.61
N TYR A 213 8.62 22.48 -2.62
CA TYR A 213 8.90 23.20 -3.88
C TYR A 213 7.57 23.69 -4.50
N SER A 214 6.55 22.80 -4.57
CA SER A 214 5.24 23.21 -5.12
C SER A 214 4.64 24.38 -4.40
N LEU A 215 4.75 24.37 -3.07
CA LEU A 215 4.16 25.44 -2.27
C LEU A 215 4.90 26.74 -2.46
N LEU A 216 6.22 26.68 -2.44
CA LEU A 216 7.00 27.92 -2.64
C LEU A 216 6.82 28.47 -4.01
N LYS A 217 6.84 27.63 -5.05
CA LYS A 217 6.70 28.16 -6.39
C LYS A 217 5.26 28.56 -6.67
N GLY A 218 4.31 27.68 -6.35
CA GLY A 218 2.90 28.06 -6.61
C GLY A 218 2.35 29.10 -5.70
N GLY A 219 2.72 29.10 -4.45
CA GLY A 219 2.18 30.13 -3.58
C GLY A 219 2.86 31.49 -3.54
N LEU A 220 4.19 31.52 -3.54
CA LEU A 220 4.96 32.77 -3.47
C LEU A 220 5.59 33.18 -4.75
N ASN A 221 5.50 32.32 -5.76
CA ASN A 221 6.07 32.58 -7.03
C ASN A 221 7.55 32.79 -6.93
N LEU A 222 8.23 32.02 -6.07
CA LEU A 222 9.69 32.21 -5.92
C LEU A 222 10.38 31.80 -7.21
N THR A 223 11.45 32.52 -7.57
CA THR A 223 12.23 32.19 -8.76
C THR A 223 13.19 31.04 -8.37
N ASN A 224 13.85 30.42 -9.34
CA ASN A 224 14.77 29.34 -8.96
C ASN A 224 15.91 29.85 -8.06
N GLU A 225 16.37 31.10 -8.25
CA GLU A 225 17.41 31.61 -7.36
C GLU A 225 16.91 31.76 -5.94
N GLU A 226 15.65 32.21 -5.79
CA GLU A 226 15.10 32.36 -4.48
C GLU A 226 14.86 30.96 -3.84
N LEU A 227 14.48 29.99 -4.65
CA LEU A 227 14.30 28.63 -4.11
C LEU A 227 15.65 28.12 -3.63
N ALA A 228 16.70 28.40 -4.39
CA ALA A 228 18.03 27.89 -3.96
C ALA A 228 18.46 28.58 -2.69
N GLN A 229 18.18 29.88 -2.60
CA GLN A 229 18.54 30.63 -1.41
C GLN A 229 17.77 30.10 -0.20
N THR A 230 16.49 29.76 -0.41
CA THR A 230 15.66 29.27 0.68
C THR A 230 16.14 27.91 1.19
N PHE A 231 16.38 26.99 0.27
CA PHE A 231 16.84 25.67 0.64
C PHE A 231 18.23 25.78 1.29
N THR A 232 19.07 26.71 0.84
CA THR A 232 20.37 26.89 1.52
C THR A 232 20.19 27.34 2.97
N GLU A 233 19.26 28.27 3.22
CA GLU A 233 19.06 28.71 4.56
C GLU A 233 18.51 27.54 5.45
N TRP A 234 17.53 26.81 4.88
CA TRP A 234 16.99 25.69 5.64
C TRP A 234 18.07 24.66 5.99
N ASN A 235 18.98 24.42 5.03
CA ASN A 235 20.05 23.43 5.21
C ASN A 235 21.02 23.81 6.33
N ASN A 236 21.01 25.08 6.76
CA ASN A 236 21.86 25.47 7.89
C ASN A 236 21.34 25.01 9.23
N GLY A 237 20.03 24.82 9.36
CA GLY A 237 19.46 24.44 10.62
C GLY A 237 19.09 22.98 10.80
N GLU A 238 18.01 22.75 11.55
CA GLU A 238 17.62 21.37 11.86
C GLU A 238 17.33 20.48 10.67
N LEU A 239 16.93 21.06 9.52
CA LEU A 239 16.65 20.29 8.30
C LEU A 239 17.91 19.82 7.56
N SER A 240 19.09 20.25 8.00
CA SER A 240 20.34 19.87 7.31
C SER A 240 20.33 18.42 6.83
N SER A 241 20.48 18.24 5.52
CA SER A 241 20.49 16.91 4.92
C SER A 241 21.07 16.90 3.56
N TYR A 242 21.52 15.73 3.11
CA TYR A 242 22.07 15.60 1.78
C TYR A 242 21.01 15.97 0.74
N LEU A 243 19.79 15.46 0.92
CA LEU A 243 18.80 15.78 -0.13
C LEU A 243 18.48 17.27 -0.20
N ILE A 244 18.45 18.00 0.90
CA ILE A 244 18.19 19.45 0.76
C ILE A 244 19.42 20.14 0.12
N ASP A 245 20.64 19.63 0.43
CA ASP A 245 21.88 20.22 -0.10
C ASP A 245 21.90 20.05 -1.62
N ILE A 246 21.55 18.86 -2.12
CA ILE A 246 21.56 18.71 -3.57
C ILE A 246 20.41 19.44 -4.25
N THR A 247 19.31 19.62 -3.50
CA THR A 247 18.19 20.33 -4.12
C THR A 247 18.58 21.79 -4.39
N LYS A 248 19.29 22.44 -3.49
CA LYS A 248 19.65 23.84 -3.76
C LYS A 248 20.65 23.91 -4.94
N ASP A 249 21.47 22.87 -5.12
CA ASP A 249 22.34 22.82 -6.31
C ASP A 249 21.49 22.69 -7.59
N ILE A 250 20.48 21.82 -7.57
CA ILE A 250 19.64 21.66 -8.74
C ILE A 250 18.95 22.94 -9.13
N PHE A 251 18.52 23.72 -8.15
CA PHE A 251 17.82 24.96 -8.52
C PHE A 251 18.75 26.03 -9.05
N THR A 252 20.04 25.86 -8.80
CA THR A 252 21.07 26.80 -9.28
C THR A 252 21.58 26.42 -10.70
N LYS A 253 21.41 25.17 -11.13
CA LYS A 253 21.96 24.69 -12.41
C LYS A 253 21.36 25.24 -13.69
N LYS A 254 22.19 25.94 -14.47
CA LYS A 254 21.69 26.51 -15.72
C LYS A 254 22.00 25.67 -16.93
N ASP A 255 21.02 25.64 -17.83
CA ASP A 255 21.14 24.90 -19.08
C ASP A 255 22.12 25.73 -19.91
N GLU A 256 22.92 25.06 -20.74
CA GLU A 256 23.94 25.73 -21.55
C GLU A 256 23.48 26.98 -22.29
N ASP A 257 22.22 27.36 -22.12
CA ASP A 257 21.68 28.55 -22.76
C ASP A 257 21.21 29.64 -21.77
N GLY A 258 21.65 29.57 -20.52
CA GLY A 258 21.25 30.57 -19.53
C GLY A 258 19.92 30.28 -18.83
N ASN A 259 19.22 29.23 -19.24
CA ASN A 259 17.94 28.88 -18.61
C ASN A 259 18.16 27.72 -17.62
N TYR A 260 17.24 27.54 -16.68
CA TYR A 260 17.39 26.47 -15.68
C TYR A 260 16.98 25.10 -16.18
N LEU A 261 17.87 24.15 -16.00
CA LEU A 261 17.67 22.79 -16.44
C LEU A 261 16.47 22.05 -15.81
N VAL A 262 16.27 22.26 -14.52
CA VAL A 262 15.13 21.59 -13.84
C VAL A 262 13.82 21.93 -14.50
N ASP A 263 13.70 23.12 -15.11
CA ASP A 263 12.44 23.45 -15.76
C ASP A 263 12.14 22.75 -17.08
N VAL A 264 13.13 22.08 -17.66
CA VAL A 264 12.83 21.32 -18.86
C VAL A 264 12.88 19.81 -18.67
N ILE A 265 12.96 19.35 -17.42
CA ILE A 265 12.97 17.90 -17.18
C ILE A 265 11.55 17.36 -17.18
N LEU A 266 11.35 16.28 -17.87
CA LEU A 266 9.99 15.65 -17.92
C LEU A 266 9.66 15.18 -16.49
N ASP A 267 8.44 15.53 -16.05
CA ASP A 267 7.97 15.23 -14.72
C ASP A 267 7.30 13.87 -14.63
N GLU A 268 8.07 12.82 -14.96
CA GLU A 268 7.57 11.44 -14.92
C GLU A 268 8.62 10.72 -14.08
N ALA A 269 8.24 10.43 -12.84
CA ALA A 269 9.17 9.87 -11.86
C ALA A 269 9.19 8.39 -11.89
N ALA A 270 10.37 7.87 -12.16
CA ALA A 270 10.56 6.46 -12.27
C ALA A 270 10.87 5.82 -10.90
N ASN A 271 11.15 4.53 -10.94
CA ASN A 271 11.50 3.82 -9.71
C ASN A 271 12.04 2.42 -10.00
N LYS A 272 11.55 1.82 -11.10
CA LYS A 272 11.97 0.47 -11.59
C LYS A 272 11.34 -0.85 -11.01
N GLY A 273 10.14 -0.78 -10.44
CA GLY A 273 9.47 -1.96 -9.90
C GLY A 273 9.84 -2.32 -8.45
N THR A 274 10.66 -1.52 -7.81
CA THR A 274 11.11 -1.86 -6.46
C THR A 274 10.67 -0.83 -5.43
N GLY A 275 10.24 0.35 -5.89
CA GLY A 275 9.86 1.36 -4.91
C GLY A 275 8.66 1.01 -4.05
N LYS A 276 7.86 0.07 -4.50
CA LYS A 276 6.65 -0.38 -3.79
C LYS A 276 6.89 -1.37 -2.64
N TRP A 277 8.10 -1.90 -2.51
CA TRP A 277 8.28 -2.96 -1.51
C TRP A 277 8.00 -2.57 -0.04
N THR A 278 8.50 -1.41 0.39
CA THR A 278 8.25 -1.00 1.79
C THR A 278 6.76 -0.96 2.10
N SER A 279 6.02 -0.32 1.18
CA SER A 279 4.56 -0.18 1.36
C SER A 279 3.85 -1.52 1.32
N GLN A 280 4.28 -2.44 0.43
CA GLN A 280 3.64 -3.75 0.46
C GLN A 280 3.91 -4.50 1.74
N SER A 281 5.10 -4.29 2.32
CA SER A 281 5.41 -4.93 3.60
C SER A 281 4.57 -4.28 4.72
N ALA A 282 4.43 -2.96 4.66
CA ALA A 282 3.57 -2.30 5.65
C ALA A 282 2.17 -2.95 5.61
N LEU A 283 1.65 -3.12 4.39
CA LEU A 283 0.31 -3.71 4.25
C LEU A 283 0.26 -5.15 4.83
N ASP A 284 1.33 -5.92 4.60
CA ASP A 284 1.38 -7.29 5.17
C ASP A 284 1.48 -7.27 6.69
N LEU A 285 2.18 -6.28 7.25
CA LEU A 285 2.43 -6.23 8.72
C LEU A 285 1.39 -5.49 9.52
N GLY A 286 0.43 -4.83 8.85
CA GLY A 286 -0.58 -4.12 9.61
C GLY A 286 -0.12 -2.76 10.07
N GLU A 287 0.86 -2.17 9.38
CA GLU A 287 1.40 -0.88 9.79
C GLU A 287 0.85 0.26 8.93
N PRO A 288 0.41 1.35 9.55
CA PRO A 288 -0.17 2.47 8.76
C PRO A 288 0.89 3.39 8.18
N LEU A 289 1.53 2.96 7.11
CA LEU A 289 2.67 3.66 6.49
C LEU A 289 2.14 4.59 5.41
N SER A 290 1.34 5.55 5.82
CA SER A 290 0.73 6.36 4.81
C SER A 290 1.59 7.34 4.07
N LEU A 291 2.62 7.90 4.70
CA LEU A 291 3.37 8.93 4.02
C LEU A 291 4.24 8.38 2.93
N ILE A 292 5.05 7.37 3.28
CA ILE A 292 5.85 6.72 2.24
C ILE A 292 4.94 6.13 1.14
N THR A 293 3.78 5.57 1.49
CA THR A 293 2.96 4.99 0.47
C THR A 293 2.36 6.06 -0.45
N GLU A 294 1.93 7.20 0.13
CA GLU A 294 1.46 8.29 -0.75
C GLU A 294 2.62 8.79 -1.65
N SER A 295 3.87 8.69 -1.20
CA SER A 295 5.01 9.11 -1.99
C SER A 295 5.16 8.18 -3.20
N VAL A 296 4.95 6.88 -3.02
CA VAL A 296 5.00 5.96 -4.16
C VAL A 296 3.84 6.31 -5.11
N PHE A 297 2.62 6.50 -4.57
CA PHE A 297 1.50 6.84 -5.45
C PHE A 297 1.70 8.17 -6.17
N ALA A 298 2.42 9.10 -5.55
CA ALA A 298 2.71 10.38 -6.25
C ALA A 298 3.65 10.11 -7.45
N ARG A 299 4.60 9.19 -7.29
CA ARG A 299 5.42 8.86 -8.48
C ARG A 299 4.52 8.19 -9.50
N TYR A 300 3.63 7.28 -9.06
CA TYR A 300 2.77 6.59 -10.07
C TYR A 300 1.92 7.57 -10.84
N ILE A 301 1.34 8.57 -10.18
CA ILE A 301 0.49 9.49 -10.95
C ILE A 301 1.39 10.39 -11.83
N SER A 302 2.60 10.69 -11.42
CA SER A 302 3.44 11.49 -12.32
C SER A 302 3.68 10.70 -13.59
N SER A 303 3.73 9.36 -13.47
CA SER A 303 3.98 8.51 -14.66
C SER A 303 2.79 8.39 -15.58
N LEU A 304 1.61 8.88 -15.18
CA LEU A 304 0.46 8.83 -15.99
C LEU A 304 0.33 10.21 -16.69
N LYS A 305 1.43 10.66 -17.29
CA LYS A 305 1.41 11.99 -17.91
C LYS A 305 0.40 12.19 -18.97
N ASP A 306 0.20 11.24 -19.87
CA ASP A 306 -0.80 11.45 -20.92
C ASP A 306 -2.17 11.65 -20.34
N GLN A 307 -2.50 10.86 -19.29
CA GLN A 307 -3.78 11.07 -18.62
C GLN A 307 -3.87 12.43 -17.93
N ARG A 308 -2.76 12.86 -17.30
CA ARG A 308 -2.78 14.15 -16.61
C ARG A 308 -2.94 15.27 -17.61
N VAL A 309 -2.25 15.18 -18.75
CA VAL A 309 -2.44 16.26 -19.71
C VAL A 309 -3.88 16.26 -20.23
N ALA A 310 -4.43 15.08 -20.55
CA ALA A 310 -5.84 15.05 -20.98
C ALA A 310 -6.76 15.62 -19.91
N ALA A 311 -6.55 15.22 -18.67
CA ALA A 311 -7.41 15.74 -17.62
C ALA A 311 -7.26 17.23 -17.41
N SER A 312 -6.04 17.77 -17.60
CA SER A 312 -5.85 19.20 -17.40
C SER A 312 -6.65 20.05 -18.34
N LYS A 313 -7.08 19.46 -19.45
CA LYS A 313 -7.85 20.23 -20.46
C LYS A 313 -9.34 20.17 -20.20
N VAL A 314 -9.72 19.36 -19.20
CA VAL A 314 -11.15 19.08 -18.87
C VAL A 314 -11.53 19.51 -17.47
N LEU A 315 -10.71 19.14 -16.48
CA LEU A 315 -11.03 19.43 -15.10
C LEU A 315 -10.69 20.81 -14.66
N SER A 316 -11.50 21.37 -13.77
CA SER A 316 -11.33 22.71 -13.24
C SER A 316 -10.83 22.75 -11.79
N GLY A 317 -10.24 23.86 -11.39
CA GLY A 317 -9.82 24.00 -10.01
C GLY A 317 -9.56 25.45 -9.68
N PRO A 318 -9.28 25.73 -8.44
CA PRO A 318 -9.03 27.11 -7.98
C PRO A 318 -7.64 27.57 -8.37
N GLN A 319 -7.35 28.83 -8.16
CA GLN A 319 -5.98 29.22 -8.42
C GLN A 319 -5.37 29.51 -7.03
N ALA A 320 -4.07 29.74 -7.00
CA ALA A 320 -3.38 29.96 -5.74
C ALA A 320 -3.94 31.16 -5.00
N GLN A 321 -4.13 31.02 -3.68
CA GLN A 321 -4.72 32.03 -2.81
C GLN A 321 -3.62 32.95 -2.34
N PRO A 322 -4.00 34.12 -1.82
CA PRO A 322 -3.02 35.11 -1.32
C PRO A 322 -2.19 34.41 -0.25
N ALA A 323 -0.89 34.57 -0.38
CA ALA A 323 0.05 33.90 0.50
C ALA A 323 0.36 34.63 1.78
N GLY A 324 0.14 35.94 1.78
CA GLY A 324 0.40 36.72 2.97
C GLY A 324 1.88 37.05 3.03
N ASP A 325 2.33 37.46 4.20
CA ASP A 325 3.74 37.79 4.40
C ASP A 325 4.70 36.70 3.90
N LYS A 326 5.66 37.09 3.09
CA LYS A 326 6.58 36.16 2.49
C LYS A 326 7.44 35.36 3.47
N ALA A 327 8.11 36.05 4.38
CA ALA A 327 8.94 35.33 5.35
C ALA A 327 8.10 34.38 6.21
N GLU A 328 6.90 34.82 6.63
CA GLU A 328 6.04 33.92 7.43
C GLU A 328 5.62 32.68 6.67
N PHE A 329 5.33 32.82 5.37
CA PHE A 329 4.90 31.68 4.58
C PHE A 329 6.06 30.70 4.45
N ILE A 330 7.25 31.23 4.15
CA ILE A 330 8.41 30.37 4.03
C ILE A 330 8.68 29.62 5.34
N GLU A 331 8.55 30.27 6.49
CA GLU A 331 8.77 29.58 7.77
C GLU A 331 7.74 28.50 8.01
N LYS A 332 6.50 28.76 7.66
CA LYS A 332 5.49 27.71 7.86
C LYS A 332 5.79 26.49 6.98
N VAL A 333 6.17 26.72 5.72
CA VAL A 333 6.51 25.57 4.87
C VAL A 333 7.72 24.80 5.44
N ARG A 334 8.72 25.54 5.95
CA ARG A 334 9.88 24.88 6.55
C ARG A 334 9.46 23.94 7.72
N ARG A 335 8.63 24.47 8.61
CA ARG A 335 8.14 23.74 9.76
C ARG A 335 7.31 22.55 9.31
N ALA A 336 6.50 22.74 8.29
CA ALA A 336 5.69 21.62 7.77
C ALA A 336 6.58 20.51 7.24
N LEU A 337 7.63 20.92 6.51
CA LEU A 337 8.56 19.93 5.96
C LEU A 337 9.25 19.12 7.09
N TYR A 338 9.73 19.81 8.12
CA TYR A 338 10.41 19.12 9.21
C TYR A 338 9.45 18.18 9.99
N LEU A 339 8.26 18.67 10.31
CA LEU A 339 7.31 17.83 11.03
C LEU A 339 6.83 16.66 10.13
N GLY A 340 6.70 16.90 8.81
CA GLY A 340 6.32 15.83 7.89
C GLY A 340 7.41 14.76 7.88
N LYS A 341 8.69 15.18 7.89
CA LYS A 341 9.76 14.17 7.94
C LYS A 341 9.69 13.39 9.25
N ILE A 342 9.43 14.08 10.36
CA ILE A 342 9.30 13.34 11.62
C ILE A 342 8.20 12.29 11.53
N VAL A 343 7.04 12.65 10.99
CA VAL A 343 5.98 11.65 10.89
C VAL A 343 6.38 10.49 10.00
N SER A 344 7.05 10.80 8.90
CA SER A 344 7.41 9.69 7.97
C SER A 344 8.35 8.70 8.66
N TYR A 345 9.34 9.24 9.35
CA TYR A 345 10.29 8.35 10.09
C TYR A 345 9.63 7.70 11.24
N ALA A 346 8.68 8.35 11.92
CA ALA A 346 7.97 7.64 12.99
C ALA A 346 7.23 6.43 12.40
N GLN A 347 6.62 6.59 11.23
CA GLN A 347 5.92 5.46 10.63
C GLN A 347 6.92 4.38 10.20
N GLY A 348 8.04 4.82 9.65
CA GLY A 348 9.01 3.83 9.18
C GLY A 348 9.70 3.05 10.32
N PHE A 349 9.97 3.69 11.45
CA PHE A 349 10.62 2.98 12.55
C PHE A 349 9.62 2.09 13.22
N SER A 350 8.35 2.49 13.26
CA SER A 350 7.32 1.59 13.81
C SER A 350 7.25 0.34 12.90
N GLN A 351 7.35 0.51 11.58
CA GLN A 351 7.35 -0.66 10.67
C GLN A 351 8.60 -1.54 10.99
N LEU A 352 9.76 -0.92 11.23
CA LEU A 352 10.93 -1.74 11.57
C LEU A 352 10.64 -2.58 12.79
N ARG A 353 9.94 -2.04 13.80
CA ARG A 353 9.63 -2.86 14.98
C ARG A 353 8.67 -4.01 14.65
N ALA A 354 7.67 -3.77 13.79
CA ALA A 354 6.75 -4.82 13.44
C ALA A 354 7.47 -5.91 12.61
N ALA A 355 8.40 -5.48 11.76
CA ALA A 355 9.13 -6.46 10.97
C ALA A 355 10.05 -7.27 11.89
N SER A 356 10.70 -6.60 12.84
CA SER A 356 11.62 -7.30 13.75
C SER A 356 10.84 -8.37 14.50
N GLU A 357 9.64 -8.03 14.93
CA GLU A 357 8.82 -9.02 15.64
C GLU A 357 8.37 -10.18 14.73
N GLU A 358 7.91 -9.86 13.55
CA GLU A 358 7.47 -10.90 12.64
C GLU A 358 8.56 -11.85 12.14
N TYR A 359 9.73 -11.28 11.88
CA TYR A 359 10.80 -12.07 11.26
C TYR A 359 11.88 -12.48 12.25
N ASN A 360 11.63 -12.16 13.52
CA ASN A 360 12.48 -12.56 14.67
C ASN A 360 13.89 -12.06 14.59
N TRP A 361 14.04 -10.76 14.44
CA TRP A 361 15.37 -10.19 14.29
C TRP A 361 15.97 -9.44 15.49
N ASP A 362 15.15 -9.07 16.49
CA ASP A 362 15.63 -8.26 17.63
C ASP A 362 16.49 -7.08 17.16
N LEU A 363 15.93 -6.27 16.24
CA LEU A 363 16.64 -5.15 15.70
C LEU A 363 17.01 -4.12 16.73
N ASN A 364 18.12 -3.46 16.49
CA ASN A 364 18.58 -2.39 17.36
C ASN A 364 18.32 -1.11 16.55
N TYR A 365 17.24 -0.43 16.91
CA TYR A 365 16.79 0.73 16.14
C TYR A 365 17.74 1.89 16.20
N GLY A 366 18.41 2.07 17.34
CA GLY A 366 19.35 3.18 17.47
C GLY A 366 20.57 2.94 16.62
N GLU A 367 20.97 1.68 16.55
CA GLU A 367 22.12 1.37 15.71
C GLU A 367 21.82 1.52 14.22
N ILE A 368 20.60 1.19 13.82
CA ILE A 368 20.18 1.40 12.43
C ILE A 368 20.20 2.91 12.14
N ALA A 369 19.61 3.73 13.00
CA ALA A 369 19.64 5.17 12.76
C ALA A 369 21.10 5.66 12.68
N LYS A 370 21.99 5.05 13.49
CA LYS A 370 23.39 5.51 13.46
C LYS A 370 24.07 5.30 12.12
N ILE A 371 23.81 4.19 11.46
CA ILE A 371 24.49 3.95 10.17
C ILE A 371 23.88 4.78 9.05
N PHE A 372 22.74 5.43 9.35
CA PHE A 372 22.11 6.28 8.34
C PHE A 372 22.58 7.72 8.50
N ARG A 373 23.45 8.01 9.47
CA ARG A 373 23.97 9.38 9.65
C ARG A 373 24.91 9.86 8.55
N ALA A 374 25.46 8.96 7.77
CA ALA A 374 26.38 9.28 6.72
C ALA A 374 26.35 8.19 5.69
N GLY A 375 26.95 8.46 4.52
CA GLY A 375 26.98 7.49 3.44
C GLY A 375 25.70 7.30 2.63
N CYS A 376 24.58 7.05 3.30
CA CYS A 376 23.32 6.80 2.58
C CYS A 376 22.68 8.07 2.00
N ILE A 377 21.67 7.87 1.17
CA ILE A 377 20.99 9.01 0.53
C ILE A 377 20.19 9.85 1.55
N ILE A 378 19.62 9.21 2.57
CA ILE A 378 18.85 10.00 3.54
C ILE A 378 19.68 10.65 4.65
N ARG A 379 21.01 10.63 4.53
CA ARG A 379 21.83 11.15 5.61
C ARG A 379 21.48 12.58 5.96
N ALA A 380 21.48 12.84 7.24
CA ALA A 380 21.06 14.15 7.75
C ALA A 380 21.34 14.22 9.25
N GLN A 381 21.46 15.43 9.77
CA GLN A 381 21.68 15.70 11.20
C GLN A 381 20.54 15.07 12.02
N PHE A 382 19.38 15.05 11.40
CA PHE A 382 18.16 14.49 11.95
C PHE A 382 18.34 13.08 12.49
N LEU A 383 19.12 12.28 11.80
CA LEU A 383 19.27 10.87 12.25
C LEU A 383 19.85 10.80 13.65
N GLN A 384 20.59 11.84 14.06
CA GLN A 384 21.16 11.80 15.41
C GLN A 384 20.07 11.95 16.44
N LYS A 385 19.01 12.69 16.09
CA LYS A 385 17.90 12.89 17.04
C LYS A 385 17.18 11.54 17.23
N ILE A 386 17.07 10.76 16.16
CA ILE A 386 16.44 9.45 16.29
C ILE A 386 17.39 8.52 17.11
N THR A 387 18.70 8.57 16.82
CA THR A 387 19.68 7.75 17.57
C THR A 387 19.55 8.08 19.06
N ASP A 388 19.48 9.37 19.39
CA ASP A 388 19.35 9.82 20.81
C ASP A 388 18.11 9.27 21.46
N ALA A 389 16.97 9.32 20.74
CA ALA A 389 15.71 8.89 21.33
C ALA A 389 15.74 7.40 21.61
N CYS A 390 16.33 6.65 20.67
CA CYS A 390 16.41 5.19 20.83
C CYS A 390 17.42 4.79 21.92
N ALA A 391 18.45 5.61 22.16
CA ALA A 391 19.44 5.30 23.21
C ALA A 391 18.75 5.37 24.55
N GLU A 392 17.96 6.43 24.71
CA GLU A 392 17.22 6.68 25.95
C GLU A 392 16.16 5.61 26.16
N ASN A 393 15.51 5.21 25.07
CA ASN A 393 14.46 4.23 25.19
C ASN A 393 14.54 3.24 24.01
N PRO A 394 15.32 2.18 24.13
CA PRO A 394 15.47 1.19 23.06
C PRO A 394 14.19 0.54 22.56
N GLN A 395 13.13 0.51 23.35
CA GLN A 395 11.93 -0.11 22.80
C GLN A 395 10.74 0.85 22.66
N ILE A 396 11.07 2.10 22.42
CA ILE A 396 10.04 3.15 22.24
C ILE A 396 9.07 2.67 21.15
N ALA A 397 7.77 2.79 21.38
CA ALA A 397 6.83 2.24 20.41
C ALA A 397 6.75 3.12 19.17
N ASN A 398 6.99 4.41 19.33
CA ASN A 398 6.86 5.32 18.19
C ASN A 398 7.66 6.56 18.50
N LEU A 399 8.42 7.04 17.54
CA LEU A 399 9.29 8.21 17.76
C LEU A 399 8.55 9.47 18.20
N LEU A 400 7.25 9.57 17.85
CA LEU A 400 6.48 10.76 18.28
C LEU A 400 6.42 10.86 19.78
N LEU A 401 6.57 9.75 20.51
CA LEU A 401 6.49 9.79 21.98
C LEU A 401 7.77 10.34 22.61
N ALA A 402 8.86 10.40 21.87
CA ALA A 402 10.10 10.85 22.49
C ALA A 402 10.04 12.34 22.73
N PRO A 403 10.56 12.82 23.87
CA PRO A 403 10.52 14.23 24.19
C PRO A 403 10.87 15.21 23.10
N TYR A 404 11.98 14.98 22.38
CA TYR A 404 12.35 15.92 21.35
C TYR A 404 11.29 16.03 20.25
N PHE A 405 10.82 14.88 19.79
CA PHE A 405 9.82 14.86 18.71
C PHE A 405 8.46 15.38 19.16
N LYS A 406 8.02 15.08 20.38
CA LYS A 406 6.73 15.60 20.89
C LYS A 406 6.82 17.15 20.95
N GLN A 407 7.98 17.68 21.36
CA GLN A 407 8.13 19.13 21.40
C GLN A 407 8.03 19.75 20.01
N ILE A 408 8.71 19.15 19.03
CA ILE A 408 8.62 19.71 17.69
C ILE A 408 7.16 19.62 17.23
N ALA A 409 6.48 18.51 17.49
CA ALA A 409 5.08 18.42 17.01
C ALA A 409 4.21 19.48 17.72
N ASP A 410 4.47 19.75 19.00
CA ASP A 410 3.68 20.76 19.72
C ASP A 410 3.94 22.14 19.09
N ASP A 411 5.19 22.44 18.76
CA ASP A 411 5.52 23.74 18.21
C ASP A 411 5.23 23.99 16.74
N TYR A 412 5.33 22.94 15.93
CA TYR A 412 5.21 23.09 14.48
C TYR A 412 3.89 22.61 13.87
N GLN A 413 3.04 21.96 14.65
CA GLN A 413 1.84 21.44 14.01
C GLN A 413 0.94 22.52 13.45
N GLN A 414 0.84 23.67 14.15
CA GLN A 414 0.00 24.68 13.58
C GLN A 414 0.46 25.17 12.20
N ALA A 415 1.78 25.27 12.02
CA ALA A 415 2.27 25.64 10.70
C ALA A 415 1.88 24.56 9.66
N LEU A 416 2.02 23.29 10.04
CA LEU A 416 1.68 22.21 9.10
C LEU A 416 0.17 22.32 8.74
N ARG A 417 -0.67 22.58 9.73
CA ARG A 417 -2.09 22.70 9.48
C ARG A 417 -2.38 23.90 8.56
N ASP A 418 -1.72 25.02 8.82
CA ASP A 418 -1.93 26.22 7.97
C ASP A 418 -1.50 25.94 6.52
N VAL A 419 -0.38 25.24 6.34
CA VAL A 419 0.12 24.93 5.01
C VAL A 419 -0.82 23.99 4.26
N VAL A 420 -1.29 22.93 4.91
CA VAL A 420 -2.24 22.03 4.25
C VAL A 420 -3.54 22.79 3.91
N ALA A 421 -4.07 23.62 4.82
CA ALA A 421 -5.27 24.34 4.45
C ALA A 421 -5.03 25.27 3.29
N TYR A 422 -3.88 25.97 3.29
CA TYR A 422 -3.60 26.85 2.17
C TYR A 422 -3.50 26.10 0.85
N ALA A 423 -2.82 24.96 0.88
CA ALA A 423 -2.64 24.20 -0.34
C ALA A 423 -3.97 23.71 -0.88
N VAL A 424 -4.80 23.17 0.00
CA VAL A 424 -6.09 22.67 -0.41
C VAL A 424 -6.97 23.80 -0.98
N GLN A 425 -6.95 24.97 -0.37
CA GLN A 425 -7.75 26.06 -0.97
C GLN A 425 -7.18 26.58 -2.29
N ASN A 426 -5.88 26.36 -2.50
CA ASN A 426 -5.16 26.82 -3.69
C ASN A 426 -5.04 25.85 -4.82
N GLY A 427 -5.49 24.59 -4.59
CA GLY A 427 -5.39 23.62 -5.68
C GLY A 427 -3.98 22.99 -5.83
N ILE A 428 -3.11 23.17 -4.85
CA ILE A 428 -1.74 22.65 -4.90
C ILE A 428 -1.77 21.28 -4.18
N PRO A 429 -1.47 20.19 -4.89
CA PRO A 429 -1.52 18.88 -4.24
C PRO A 429 -0.45 18.71 -3.18
N VAL A 430 -0.87 18.27 -1.98
CA VAL A 430 0.10 18.00 -0.90
C VAL A 430 -0.23 16.66 -0.26
N PRO A 431 -0.05 15.59 -1.01
CA PRO A 431 -0.39 14.28 -0.43
C PRO A 431 0.37 13.88 0.82
N THR A 432 1.68 14.12 0.84
CA THR A 432 2.38 13.70 2.06
C THR A 432 2.20 14.66 3.21
N PHE A 433 2.10 15.99 2.97
CA PHE A 433 1.82 16.87 4.12
C PHE A 433 0.43 16.52 4.65
N SER A 434 -0.53 16.22 3.77
CA SER A 434 -1.90 15.84 4.20
C SER A 434 -1.84 14.56 5.01
N ALA A 435 -1.13 13.56 4.49
CA ALA A 435 -1.02 12.31 5.24
C ALA A 435 -0.36 12.54 6.58
N ALA A 436 0.62 13.44 6.65
CA ALA A 436 1.25 13.65 7.96
C ALA A 436 0.23 14.18 9.00
N VAL A 437 -0.61 15.11 8.59
CA VAL A 437 -1.60 15.67 9.57
C VAL A 437 -2.60 14.60 9.96
N ALA A 438 -3.06 13.82 8.94
CA ALA A 438 -4.04 12.80 9.26
C ALA A 438 -3.50 11.73 10.17
N TYR A 439 -2.23 11.38 9.98
CA TYR A 439 -1.65 10.37 10.84
C TYR A 439 -1.50 10.93 12.26
N TYR A 440 -0.94 12.14 12.38
CA TYR A 440 -0.74 12.71 13.71
C TYR A 440 -2.07 12.80 14.45
N ASP A 441 -3.12 13.21 13.75
CA ASP A 441 -4.42 13.40 14.43
C ASP A 441 -5.11 12.06 14.71
N SER A 442 -4.76 11.01 13.96
CA SER A 442 -5.31 9.69 14.24
C SER A 442 -4.53 8.95 15.35
N TYR A 443 -3.21 9.06 15.34
CA TYR A 443 -2.39 8.33 16.32
C TYR A 443 -2.68 8.88 17.73
N ARG A 444 -2.90 10.18 17.84
CA ARG A 444 -3.18 10.76 19.19
C ARG A 444 -4.63 10.66 19.57
N ALA A 445 -5.48 10.09 18.71
CA ALA A 445 -6.91 10.04 19.02
C ALA A 445 -7.24 8.79 19.83
N ALA A 446 -7.66 8.95 21.08
CA ALA A 446 -8.01 7.76 21.85
C ALA A 446 -9.20 7.06 21.28
N VAL A 447 -10.11 7.81 20.65
CA VAL A 447 -11.29 7.15 20.06
C VAL A 447 -11.41 7.65 18.60
N LEU A 448 -11.47 6.69 17.68
CA LEU A 448 -11.65 6.96 16.25
C LEU A 448 -13.03 6.49 15.84
N PRO A 449 -13.48 6.88 14.64
CA PRO A 449 -14.80 6.47 14.17
C PRO A 449 -14.88 5.03 13.67
N ALA A 450 -13.91 4.20 14.04
CA ALA A 450 -13.89 2.80 13.70
C ALA A 450 -15.00 2.07 14.47
N ASN A 451 -15.52 2.72 15.52
CA ASN A 451 -16.69 2.12 16.19
C ASN A 451 -17.85 1.95 15.20
N LEU A 452 -18.09 2.96 14.33
CA LEU A 452 -19.15 2.86 13.30
C LEU A 452 -18.81 1.77 12.26
N ILE A 453 -17.53 1.67 11.90
CA ILE A 453 -17.11 0.64 10.94
C ILE A 453 -17.42 -0.74 11.51
N GLN A 454 -17.10 -0.92 12.79
CA GLN A 454 -17.35 -2.24 13.44
C GLN A 454 -18.84 -2.50 13.51
N ALA A 455 -19.65 -1.49 13.84
CA ALA A 455 -21.12 -1.65 13.85
C ALA A 455 -21.59 -2.07 12.46
N GLN A 456 -21.10 -1.42 11.41
CA GLN A 456 -21.52 -1.76 10.05
C GLN A 456 -21.16 -3.20 9.68
N ARG A 457 -19.94 -3.61 9.99
CA ARG A 457 -19.48 -4.96 9.69
C ARG A 457 -20.37 -5.97 10.43
N ASP A 458 -20.78 -5.64 11.65
CA ASP A 458 -21.65 -6.58 12.38
C ASP A 458 -23.03 -6.61 11.79
N TYR A 459 -23.52 -5.47 11.30
CA TYR A 459 -24.84 -5.38 10.71
C TYR A 459 -24.92 -6.18 9.43
N PHE A 460 -24.00 -5.96 8.51
CA PHE A 460 -24.15 -6.68 7.27
C PHE A 460 -23.53 -8.06 7.18
N GLY A 461 -22.46 -8.31 7.93
CA GLY A 461 -21.84 -9.62 7.82
C GLY A 461 -21.74 -10.42 9.11
N ALA A 462 -22.39 -9.96 10.19
CA ALA A 462 -22.33 -10.64 11.50
C ALA A 462 -20.90 -10.90 11.96
N HIS A 463 -20.00 -9.95 11.73
CA HIS A 463 -18.60 -10.18 12.09
C HIS A 463 -18.24 -10.12 13.54
N THR A 464 -19.20 -9.67 14.35
CA THR A 464 -19.06 -9.44 15.79
C THR A 464 -18.18 -8.25 16.13
N TYR A 465 -18.33 -7.79 17.36
CA TYR A 465 -17.54 -6.66 17.82
C TYR A 465 -17.24 -6.76 19.31
N LYS A 466 -16.25 -6.01 19.75
CA LYS A 466 -15.90 -5.94 21.15
C LYS A 466 -16.52 -4.67 21.77
N ARG A 467 -16.61 -4.64 23.09
CA ARG A 467 -17.19 -3.49 23.76
C ARG A 467 -16.17 -2.85 24.70
N ILE A 468 -16.38 -1.58 25.03
CA ILE A 468 -15.44 -0.88 25.89
C ILE A 468 -15.76 -1.10 27.35
N ASP A 469 -16.96 -1.62 27.64
CA ASP A 469 -17.37 -1.81 29.02
C ASP A 469 -17.51 -3.24 29.49
N LYS A 470 -17.35 -4.21 28.58
CA LYS A 470 -17.46 -5.63 28.92
C LYS A 470 -16.44 -6.40 28.12
N GLU A 471 -16.06 -7.57 28.59
CA GLU A 471 -15.09 -8.35 27.84
C GLU A 471 -15.87 -9.31 26.94
N GLY A 472 -15.23 -9.83 25.90
CA GLY A 472 -15.92 -10.75 25.02
C GLY A 472 -16.30 -10.23 23.65
N VAL A 473 -16.86 -11.10 22.83
CA VAL A 473 -17.28 -10.76 21.47
C VAL A 473 -18.79 -10.77 21.45
N PHE A 474 -19.39 -9.77 20.79
CA PHE A 474 -20.82 -9.60 20.77
C PHE A 474 -21.31 -9.50 19.35
N HIS A 475 -22.59 -9.84 19.13
CA HIS A 475 -23.26 -9.74 17.85
C HIS A 475 -24.64 -9.21 18.16
N THR A 476 -25.08 -8.22 17.39
CA THR A 476 -26.38 -7.60 17.60
C THR A 476 -27.33 -7.92 16.46
N GLU A 477 -28.58 -8.23 16.78
CA GLU A 477 -29.57 -8.49 15.70
C GLU A 477 -30.01 -7.06 15.42
N TRP A 478 -29.43 -6.45 14.39
CA TRP A 478 -29.72 -5.04 14.10
C TRP A 478 -31.07 -4.70 13.43
N SER B 14 -32.25 -41.52 -4.21
CA SER B 14 -32.44 -40.13 -4.75
C SER B 14 -31.16 -39.27 -4.60
N LYS B 15 -30.94 -38.46 -5.61
CA LYS B 15 -29.77 -37.61 -5.57
C LYS B 15 -30.22 -36.14 -5.59
N GLN B 16 -29.39 -35.25 -5.08
CA GLN B 16 -29.79 -33.86 -5.09
C GLN B 16 -29.13 -33.18 -6.28
N GLN B 17 -29.65 -32.02 -6.58
CA GLN B 17 -29.22 -31.31 -7.73
C GLN B 17 -27.93 -30.51 -7.66
N ILE B 18 -27.66 -29.95 -6.50
CA ILE B 18 -26.45 -29.14 -6.34
C ILE B 18 -25.97 -29.35 -4.89
N GLY B 19 -24.68 -29.21 -4.65
CA GLY B 19 -24.17 -29.37 -3.29
C GLY B 19 -23.38 -28.15 -2.86
N VAL B 20 -23.46 -27.82 -1.56
CA VAL B 20 -22.70 -26.69 -0.99
C VAL B 20 -21.82 -27.20 0.13
N VAL B 21 -20.55 -26.85 0.05
CA VAL B 21 -19.54 -27.19 1.06
C VAL B 21 -19.20 -25.89 1.80
N GLY B 22 -19.40 -25.89 3.13
CA GLY B 22 -19.08 -24.72 3.95
C GLY B 22 -20.36 -24.12 4.52
N MET B 23 -20.59 -24.40 5.81
CA MET B 23 -21.79 -23.99 6.48
C MET B 23 -21.68 -22.83 7.47
N ALA B 24 -20.62 -22.04 7.32
CA ALA B 24 -20.52 -20.76 8.09
C ALA B 24 -21.66 -19.89 7.49
N VAL B 25 -21.86 -18.70 8.00
CA VAL B 25 -23.05 -17.96 7.59
C VAL B 25 -23.28 -17.71 6.11
N MET B 26 -22.26 -17.29 5.39
CA MET B 26 -22.47 -17.05 3.97
C MET B 26 -22.81 -18.33 3.20
N GLY B 27 -22.10 -19.41 3.49
CA GLY B 27 -22.37 -20.64 2.77
C GLY B 27 -23.71 -21.25 3.13
N ARG B 28 -24.06 -21.22 4.42
CA ARG B 28 -25.37 -21.74 4.83
C ARG B 28 -26.47 -20.92 4.14
N ASN B 29 -26.31 -19.59 4.15
CA ASN B 29 -27.33 -18.76 3.51
C ASN B 29 -27.42 -18.94 2.02
N LEU B 30 -26.29 -19.23 1.37
CA LEU B 30 -26.35 -19.51 -0.06
C LEU B 30 -27.10 -20.82 -0.31
N ALA B 31 -26.83 -21.81 0.55
CA ALA B 31 -27.57 -23.06 0.40
C ALA B 31 -29.06 -22.83 0.57
N LEU B 32 -29.43 -22.02 1.56
CA LEU B 32 -30.88 -21.76 1.72
C LEU B 32 -31.43 -20.91 0.54
N ASN B 33 -30.60 -20.02 -0.01
CA ASN B 33 -31.04 -19.24 -1.17
C ASN B 33 -31.32 -20.23 -2.31
N ILE B 34 -30.40 -21.14 -2.62
CA ILE B 34 -30.59 -22.09 -3.69
C ILE B 34 -31.86 -22.94 -3.42
N GLU B 35 -31.99 -23.47 -2.20
CA GLU B 35 -33.18 -24.30 -1.90
C GLU B 35 -34.44 -23.47 -2.11
N SER B 36 -34.42 -22.18 -1.78
CA SER B 36 -35.65 -21.35 -1.94
C SER B 36 -36.06 -21.18 -3.39
N ARG B 37 -35.22 -21.53 -4.36
CA ARG B 37 -35.59 -21.39 -5.75
C ARG B 37 -36.18 -22.71 -6.25
N GLY B 38 -36.32 -23.72 -5.39
CA GLY B 38 -36.94 -24.98 -5.78
C GLY B 38 -35.96 -26.12 -6.00
N TYR B 39 -34.69 -25.90 -5.70
CA TYR B 39 -33.72 -26.98 -5.87
C TYR B 39 -33.55 -27.79 -4.59
N THR B 40 -33.12 -29.04 -4.73
CA THR B 40 -32.81 -29.88 -3.56
C THR B 40 -31.29 -29.75 -3.44
N VAL B 41 -30.81 -29.63 -2.20
CA VAL B 41 -29.41 -29.27 -1.98
C VAL B 41 -28.72 -30.16 -0.99
N SER B 42 -27.58 -30.73 -1.34
CA SER B 42 -26.78 -31.50 -0.35
C SER B 42 -25.87 -30.51 0.33
N ILE B 43 -25.65 -30.68 1.65
CA ILE B 43 -24.71 -29.78 2.33
C ILE B 43 -23.68 -30.60 3.10
N PHE B 44 -22.48 -30.02 3.25
CA PHE B 44 -21.44 -30.67 4.00
C PHE B 44 -20.58 -29.61 4.64
N ASN B 45 -20.05 -29.89 5.83
CA ASN B 45 -19.12 -28.96 6.49
C ASN B 45 -18.10 -29.79 7.23
N ARG B 46 -16.83 -29.37 7.21
CA ARG B 46 -15.77 -30.12 7.91
C ARG B 46 -16.04 -30.25 9.42
N SER B 47 -16.57 -29.20 10.04
CA SER B 47 -17.02 -29.25 11.44
C SER B 47 -18.49 -29.71 11.33
N ARG B 48 -18.69 -31.00 11.57
CA ARG B 48 -19.97 -31.64 11.42
C ARG B 48 -21.08 -31.12 12.31
N GLU B 49 -20.73 -30.61 13.48
CA GLU B 49 -21.76 -30.07 14.37
C GLU B 49 -22.47 -28.88 13.72
N LYS B 50 -21.77 -28.11 12.87
CA LYS B 50 -22.43 -26.96 12.20
C LYS B 50 -23.50 -27.46 11.22
N THR B 51 -23.22 -28.54 10.50
CA THR B 51 -24.21 -29.12 9.58
C THR B 51 -25.44 -29.54 10.39
N GLU B 52 -25.23 -30.18 11.55
CA GLU B 52 -26.38 -30.59 12.38
C GLU B 52 -27.19 -29.35 12.77
N GLU B 53 -26.51 -28.25 13.08
CA GLU B 53 -27.19 -27.04 13.46
C GLU B 53 -28.07 -26.46 12.34
N VAL B 54 -27.55 -26.46 11.13
CA VAL B 54 -28.30 -25.96 10.01
C VAL B 54 -29.57 -26.79 9.83
N ILE B 55 -29.46 -28.10 9.95
CA ILE B 55 -30.64 -28.94 9.77
C ILE B 55 -31.64 -28.64 10.89
N ALA B 56 -31.16 -28.60 12.12
CA ALA B 56 -32.09 -28.33 13.24
C ALA B 56 -32.79 -27.00 13.13
N GLU B 57 -32.11 -26.02 12.55
CA GLU B 57 -32.68 -24.68 12.43
C GLU B 57 -33.58 -24.46 11.24
N ASN B 58 -33.56 -25.40 10.28
CA ASN B 58 -34.31 -25.23 9.04
C ASN B 58 -35.15 -26.42 8.65
N PRO B 59 -36.03 -26.85 9.56
CA PRO B 59 -36.93 -27.98 9.31
C PRO B 59 -37.85 -27.61 8.12
N GLY B 60 -38.17 -28.56 7.28
CA GLY B 60 -39.07 -28.19 6.19
C GLY B 60 -38.40 -27.77 4.90
N LYS B 61 -37.10 -27.55 4.93
CA LYS B 61 -36.39 -27.12 3.72
C LYS B 61 -35.70 -28.34 3.11
N LYS B 62 -35.62 -28.39 1.79
CA LYS B 62 -35.03 -29.51 1.09
C LYS B 62 -33.48 -29.45 1.07
N LEU B 63 -32.93 -29.50 2.29
CA LEU B 63 -31.47 -29.55 2.51
C LEU B 63 -31.24 -30.98 2.99
N VAL B 64 -30.22 -31.64 2.46
CA VAL B 64 -29.90 -33.00 2.90
C VAL B 64 -28.47 -32.94 3.39
N PRO B 65 -28.22 -33.27 4.67
CA PRO B 65 -26.88 -33.22 5.24
C PRO B 65 -26.05 -34.47 5.00
N TYR B 66 -24.77 -34.22 4.81
CA TYR B 66 -23.79 -35.32 4.64
C TYR B 66 -22.66 -35.13 5.63
N TYR B 67 -22.12 -36.28 6.09
CA TYR B 67 -21.13 -36.27 7.15
C TYR B 67 -19.77 -36.84 6.75
N THR B 68 -19.71 -37.28 5.49
CA THR B 68 -18.35 -37.59 4.89
C THR B 68 -18.37 -36.94 3.50
N VAL B 69 -17.17 -36.63 2.99
CA VAL B 69 -17.07 -36.04 1.66
C VAL B 69 -17.48 -37.06 0.61
N LYS B 70 -17.07 -38.32 0.79
CA LYS B 70 -17.47 -39.37 -0.16
C LYS B 70 -18.99 -39.42 -0.32
N GLU B 71 -19.73 -39.41 0.80
CA GLU B 71 -21.19 -39.54 0.66
C GLU B 71 -21.79 -38.25 0.07
N PHE B 72 -21.22 -37.10 0.45
CA PHE B 72 -21.66 -35.83 -0.13
C PHE B 72 -21.53 -35.89 -1.66
N VAL B 73 -20.34 -36.24 -2.15
CA VAL B 73 -20.17 -36.29 -3.61
C VAL B 73 -21.08 -37.29 -4.30
N GLU B 74 -21.23 -38.48 -3.68
CA GLU B 74 -22.07 -39.50 -4.28
C GLU B 74 -23.52 -39.13 -4.31
N SER B 75 -23.92 -38.16 -3.48
CA SER B 75 -25.31 -37.75 -3.45
C SER B 75 -25.75 -36.85 -4.61
N LEU B 76 -24.78 -36.39 -5.42
CA LEU B 76 -25.10 -35.42 -6.46
C LEU B 76 -25.36 -35.97 -7.83
N GLU B 77 -26.39 -35.41 -8.49
CA GLU B 77 -26.68 -35.75 -9.89
C GLU B 77 -25.46 -35.37 -10.73
N THR B 78 -25.14 -36.15 -11.77
CA THR B 78 -23.98 -35.86 -12.60
C THR B 78 -24.43 -35.21 -13.93
N PRO B 79 -23.63 -34.30 -14.49
CA PRO B 79 -22.35 -33.81 -13.95
C PRO B 79 -22.63 -33.00 -12.67
N ARG B 80 -21.78 -33.21 -11.68
CA ARG B 80 -22.00 -32.56 -10.39
C ARG B 80 -21.79 -31.08 -10.39
N ARG B 81 -22.58 -30.38 -9.57
CA ARG B 81 -22.39 -28.94 -9.38
C ARG B 81 -22.13 -28.78 -7.89
N ILE B 82 -20.92 -28.35 -7.59
CA ILE B 82 -20.52 -28.16 -6.17
C ILE B 82 -20.07 -26.73 -5.94
N LEU B 83 -20.73 -26.06 -5.00
CA LEU B 83 -20.33 -24.71 -4.62
C LEU B 83 -19.56 -24.76 -3.31
N LEU B 84 -18.34 -24.21 -3.33
CA LEU B 84 -17.51 -24.12 -2.12
C LEU B 84 -17.55 -22.72 -1.57
N MET B 85 -17.87 -22.65 -0.27
CA MET B 85 -17.95 -21.38 0.49
C MET B 85 -17.14 -21.63 1.75
N VAL B 86 -15.84 -21.80 1.59
CA VAL B 86 -14.99 -22.12 2.73
C VAL B 86 -13.97 -21.00 2.92
N LYS B 87 -13.31 -21.03 4.07
CA LYS B 87 -12.31 -20.00 4.36
C LYS B 87 -11.23 -19.98 3.27
N ALA B 88 -10.90 -18.77 2.82
CA ALA B 88 -9.89 -18.58 1.79
C ALA B 88 -8.53 -19.08 2.21
N GLY B 89 -7.81 -19.61 1.23
CA GLY B 89 -6.47 -20.09 1.48
C GLY B 89 -6.39 -21.59 1.62
N ALA B 90 -5.71 -22.01 2.67
CA ALA B 90 -5.48 -23.41 2.97
C ALA B 90 -6.77 -24.22 3.03
N GLY B 91 -7.81 -23.65 3.65
CA GLY B 91 -9.09 -24.36 3.79
C GLY B 91 -9.74 -24.70 2.45
N THR B 92 -9.66 -23.77 1.50
CA THR B 92 -10.22 -23.98 0.18
C THR B 92 -9.42 -25.04 -0.58
N ASP B 93 -8.08 -24.94 -0.53
CA ASP B 93 -7.33 -25.97 -1.22
C ASP B 93 -7.61 -27.36 -0.63
N ALA B 94 -7.73 -27.43 0.69
CA ALA B 94 -8.01 -28.71 1.33
C ALA B 94 -9.37 -29.24 0.93
N ALA B 95 -10.36 -28.37 0.82
CA ALA B 95 -11.70 -28.80 0.42
C ALA B 95 -11.66 -29.39 -1.00
N ILE B 96 -10.99 -28.69 -1.93
CA ILE B 96 -10.87 -29.21 -3.30
C ILE B 96 -10.12 -30.49 -3.38
N ASP B 97 -8.99 -30.56 -2.65
CA ASP B 97 -8.19 -31.81 -2.68
C ASP B 97 -9.03 -32.99 -2.15
N SER B 98 -9.91 -32.74 -1.17
CA SER B 98 -10.76 -33.80 -0.62
C SER B 98 -11.79 -34.29 -1.60
N LEU B 99 -12.33 -33.37 -2.38
CA LEU B 99 -13.36 -33.77 -3.33
C LEU B 99 -12.83 -34.56 -4.52
N LYS B 100 -11.65 -34.17 -4.97
CA LYS B 100 -11.10 -34.74 -6.21
C LYS B 100 -11.18 -36.23 -6.51
N PRO B 101 -10.70 -37.04 -5.58
CA PRO B 101 -10.73 -38.50 -5.78
C PRO B 101 -12.13 -39.04 -6.04
N TYR B 102 -13.17 -38.33 -5.59
CA TYR B 102 -14.54 -38.81 -5.75
C TYR B 102 -15.27 -38.29 -6.96
N LEU B 103 -14.70 -37.26 -7.61
CA LEU B 103 -15.35 -36.65 -8.76
C LEU B 103 -15.20 -37.44 -10.05
N ASP B 104 -16.02 -37.07 -11.01
CA ASP B 104 -15.88 -37.64 -12.36
C ASP B 104 -15.41 -36.50 -13.24
N LYS B 105 -14.69 -36.83 -14.32
CA LYS B 105 -14.34 -35.76 -15.26
C LYS B 105 -15.64 -35.10 -15.73
N GLY B 106 -15.57 -33.78 -15.91
CA GLY B 106 -16.71 -32.98 -16.35
C GLY B 106 -17.47 -32.37 -15.19
N ASP B 107 -17.19 -32.83 -13.98
CA ASP B 107 -17.87 -32.23 -12.82
C ASP B 107 -17.50 -30.75 -12.74
N ILE B 108 -18.37 -30.00 -12.05
CA ILE B 108 -18.30 -28.54 -11.99
C ILE B 108 -18.07 -28.06 -10.56
N ILE B 109 -16.95 -27.40 -10.37
CA ILE B 109 -16.56 -26.88 -9.05
C ILE B 109 -16.63 -25.34 -9.13
N ILE B 110 -17.36 -24.72 -8.20
CA ILE B 110 -17.51 -23.26 -8.14
C ILE B 110 -16.93 -22.80 -6.82
N ASP B 111 -15.83 -22.07 -6.86
CA ASP B 111 -15.26 -21.53 -5.62
C ASP B 111 -15.84 -20.14 -5.41
N GLY B 112 -16.77 -20.02 -4.44
CA GLY B 112 -17.40 -18.73 -4.17
C GLY B 112 -16.81 -18.01 -2.97
N GLY B 113 -15.69 -18.52 -2.45
CA GLY B 113 -15.04 -17.85 -1.32
C GLY B 113 -14.35 -16.57 -1.77
N ASN B 114 -13.84 -15.84 -0.77
CA ASN B 114 -13.12 -14.59 -1.05
C ASN B 114 -11.65 -14.92 -1.28
N THR B 115 -11.43 -15.61 -2.39
CA THR B 115 -10.15 -16.15 -2.75
C THR B 115 -9.26 -15.15 -3.44
N PHE B 116 -7.96 -15.18 -3.11
CA PHE B 116 -7.01 -14.28 -3.81
C PHE B 116 -6.95 -14.67 -5.31
N PHE B 117 -6.99 -13.69 -6.22
CA PHE B 117 -7.12 -14.05 -7.62
C PHE B 117 -6.00 -14.88 -8.18
N GLN B 118 -4.79 -14.73 -7.69
CA GLN B 118 -3.71 -15.55 -8.26
C GLN B 118 -3.89 -17.00 -7.89
N ASP B 119 -4.50 -17.28 -6.75
CA ASP B 119 -4.81 -18.69 -6.38
C ASP B 119 -5.83 -19.22 -7.37
N THR B 120 -6.80 -18.39 -7.78
CA THR B 120 -7.79 -18.85 -8.75
C THR B 120 -7.18 -19.09 -10.12
N ILE B 121 -6.20 -18.27 -10.49
CA ILE B 121 -5.58 -18.48 -11.79
C ILE B 121 -4.88 -19.86 -11.77
N ARG B 122 -4.15 -20.15 -10.70
CA ARG B 122 -3.45 -21.47 -10.55
C ARG B 122 -4.45 -22.61 -10.52
N ARG B 123 -5.49 -22.46 -9.69
CA ARG B 123 -6.50 -23.54 -9.60
C ARG B 123 -7.24 -23.79 -10.91
N ASN B 124 -7.62 -22.71 -11.61
CA ASN B 124 -8.33 -22.86 -12.85
C ASN B 124 -7.44 -23.65 -13.83
N ARG B 125 -6.14 -23.34 -13.82
CA ARG B 125 -5.25 -24.06 -14.72
C ARG B 125 -5.19 -25.53 -14.38
N GLU B 126 -4.98 -25.82 -13.12
CA GLU B 126 -4.81 -27.21 -12.69
C GLU B 126 -6.09 -28.02 -12.88
N LEU B 127 -7.22 -27.46 -12.44
CA LEU B 127 -8.46 -28.21 -12.52
C LEU B 127 -8.95 -28.35 -13.94
N SER B 128 -8.73 -27.36 -14.81
CA SER B 128 -9.19 -27.48 -16.17
C SER B 128 -8.34 -28.59 -16.83
N ALA B 129 -7.06 -28.64 -16.50
CA ALA B 129 -6.19 -29.70 -17.11
C ALA B 129 -6.61 -31.08 -16.65
N GLU B 130 -7.17 -31.17 -15.45
CA GLU B 130 -7.67 -32.45 -14.92
C GLU B 130 -9.05 -32.76 -15.48
N GLY B 131 -9.65 -31.86 -16.24
CA GLY B 131 -10.95 -32.14 -16.84
C GLY B 131 -12.19 -31.73 -16.07
N PHE B 132 -11.99 -30.85 -15.10
CA PHE B 132 -13.14 -30.35 -14.36
C PHE B 132 -13.50 -28.98 -14.88
N ASN B 133 -14.76 -28.62 -14.77
CA ASN B 133 -15.20 -27.28 -15.17
C ASN B 133 -15.11 -26.45 -13.90
N PHE B 134 -14.31 -25.39 -13.93
CA PHE B 134 -14.11 -24.60 -12.72
C PHE B 134 -14.54 -23.17 -12.91
N ILE B 135 -15.12 -22.60 -11.85
CA ILE B 135 -15.52 -21.19 -11.85
C ILE B 135 -15.06 -20.61 -10.54
N GLY B 136 -14.28 -19.53 -10.60
CA GLY B 136 -13.89 -18.84 -9.39
C GLY B 136 -14.79 -17.62 -9.38
N THR B 137 -15.65 -17.52 -8.37
CA THR B 137 -16.61 -16.39 -8.39
C THR B 137 -16.66 -15.61 -7.11
N GLY B 138 -16.78 -14.29 -7.23
CA GLY B 138 -17.06 -13.48 -6.03
C GLY B 138 -18.57 -13.52 -5.74
N VAL B 139 -18.88 -13.41 -4.46
CA VAL B 139 -20.27 -13.39 -4.04
C VAL B 139 -20.31 -12.24 -3.03
N SER B 140 -21.16 -11.25 -3.27
CA SER B 140 -21.24 -10.12 -2.34
C SER B 140 -22.66 -9.88 -1.92
N GLY B 141 -22.80 -9.56 -0.63
CA GLY B 141 -24.17 -9.21 -0.19
C GLY B 141 -24.37 -9.35 1.32
N GLY B 142 -23.35 -9.81 2.01
CA GLY B 142 -23.52 -10.00 3.45
C GLY B 142 -24.46 -11.15 3.74
N GLU B 143 -24.84 -11.30 4.98
CA GLU B 143 -25.73 -12.44 5.39
C GLU B 143 -27.07 -12.36 4.71
N GLU B 144 -27.69 -11.16 4.64
CA GLU B 144 -28.99 -11.05 4.02
C GLU B 144 -28.92 -11.24 2.50
N GLY B 145 -27.88 -10.71 1.84
CA GLY B 145 -27.77 -10.89 0.41
C GLY B 145 -27.45 -12.31 0.05
N ALA B 146 -26.63 -12.98 0.86
CA ALA B 146 -26.34 -14.40 0.55
C ALA B 146 -27.67 -15.14 0.57
N LEU B 147 -28.55 -14.82 1.51
CA LEU B 147 -29.86 -15.53 1.58
C LEU B 147 -30.84 -15.17 0.50
N LYS B 148 -30.96 -13.88 0.24
CA LYS B 148 -31.99 -13.37 -0.67
C LYS B 148 -31.62 -13.05 -2.09
N GLY B 149 -30.33 -12.80 -2.32
CA GLY B 149 -29.89 -12.45 -3.66
C GLY B 149 -28.64 -11.57 -3.62
N PRO B 150 -27.47 -12.19 -3.88
CA PRO B 150 -26.22 -11.42 -3.86
C PRO B 150 -25.82 -10.98 -5.27
N SER B 151 -24.76 -10.15 -5.35
CA SER B 151 -24.14 -9.89 -6.66
C SER B 151 -23.18 -11.07 -6.83
N ILE B 152 -23.06 -11.59 -8.04
CA ILE B 152 -22.23 -12.76 -8.30
C ILE B 152 -21.33 -12.44 -9.48
N MET B 153 -20.00 -12.61 -9.27
CA MET B 153 -19.02 -12.22 -10.33
C MET B 153 -18.12 -13.41 -10.66
N PRO B 154 -18.54 -14.18 -11.62
CA PRO B 154 -17.80 -15.39 -12.01
C PRO B 154 -16.79 -15.22 -13.11
N GLY B 155 -15.67 -15.90 -12.90
CA GLY B 155 -14.62 -15.96 -13.92
C GLY B 155 -14.20 -17.40 -14.18
N GLY B 156 -13.61 -17.62 -15.36
CA GLY B 156 -13.20 -18.95 -15.73
C GLY B 156 -13.43 -19.11 -17.22
N GLN B 157 -13.36 -20.32 -17.74
CA GLN B 157 -13.66 -20.47 -19.17
C GLN B 157 -15.13 -20.21 -19.43
N LYS B 158 -15.46 -19.60 -20.55
CA LYS B 158 -16.84 -19.32 -20.82
C LYS B 158 -17.71 -20.57 -20.85
N GLU B 159 -17.18 -21.70 -21.32
CA GLU B 159 -17.99 -22.95 -21.35
C GLU B 159 -18.40 -23.35 -19.92
N ALA B 160 -17.52 -23.14 -18.97
CA ALA B 160 -17.82 -23.46 -17.57
C ALA B 160 -18.89 -22.52 -17.03
N TYR B 161 -18.79 -21.23 -17.37
CA TYR B 161 -19.78 -20.29 -16.91
C TYR B 161 -21.16 -20.69 -17.47
N GLU B 162 -21.24 -21.03 -18.76
CA GLU B 162 -22.56 -21.36 -19.32
C GLU B 162 -23.20 -22.57 -18.63
N LEU B 163 -22.40 -23.47 -18.07
CA LEU B 163 -22.97 -24.62 -17.36
C LEU B 163 -23.64 -24.20 -16.05
N VAL B 164 -23.20 -23.09 -15.43
CA VAL B 164 -23.76 -22.66 -14.13
C VAL B 164 -24.57 -21.38 -14.23
N ALA B 165 -24.62 -20.74 -15.40
CA ALA B 165 -25.35 -19.47 -15.48
C ALA B 165 -26.83 -19.57 -15.08
N PRO B 166 -27.52 -20.66 -15.43
CA PRO B 166 -28.92 -20.75 -15.04
C PRO B 166 -29.12 -20.71 -13.51
N ILE B 167 -28.32 -21.46 -12.78
CA ILE B 167 -28.53 -21.47 -11.34
C ILE B 167 -28.02 -20.16 -10.75
N LEU B 168 -26.89 -19.66 -11.26
CA LEU B 168 -26.42 -18.39 -10.68
C LEU B 168 -27.45 -17.29 -10.90
N THR B 169 -28.16 -17.30 -12.03
CA THR B 169 -29.18 -16.28 -12.34
C THR B 169 -30.38 -16.44 -11.39
N LYS B 170 -30.70 -17.69 -11.10
CA LYS B 170 -31.81 -17.93 -10.17
C LYS B 170 -31.57 -17.36 -8.78
N ILE B 171 -30.32 -17.44 -8.30
CA ILE B 171 -30.03 -16.98 -6.95
C ILE B 171 -29.50 -15.58 -6.77
N ALA B 172 -29.16 -14.94 -7.88
CA ALA B 172 -28.57 -13.61 -7.80
C ALA B 172 -29.64 -12.53 -7.54
N ALA B 173 -29.19 -11.42 -6.98
CA ALA B 173 -30.07 -10.24 -6.85
C ALA B 173 -30.49 -9.82 -8.27
N VAL B 174 -31.56 -9.00 -8.33
CA VAL B 174 -32.02 -8.44 -9.60
C VAL B 174 -32.17 -6.93 -9.39
N ALA B 175 -31.67 -6.21 -10.39
CA ALA B 175 -31.74 -4.76 -10.39
C ALA B 175 -33.19 -4.34 -10.68
N GLU B 176 -33.51 -3.12 -10.36
CA GLU B 176 -34.90 -2.66 -10.59
C GLU B 176 -35.33 -2.68 -12.05
N ASP B 177 -34.38 -2.66 -12.98
CA ASP B 177 -34.70 -2.74 -14.38
C ASP B 177 -34.81 -4.19 -14.87
N GLY B 178 -34.79 -5.11 -13.91
CA GLY B 178 -34.97 -6.51 -14.23
C GLY B 178 -33.73 -7.31 -14.55
N GLU B 179 -32.56 -6.66 -14.61
CA GLU B 179 -31.35 -7.39 -14.98
C GLU B 179 -30.72 -8.08 -13.81
N PRO B 180 -30.41 -9.36 -13.95
CA PRO B 180 -29.79 -10.15 -12.87
C PRO B 180 -28.41 -9.55 -12.58
N CYS B 181 -28.04 -9.56 -11.29
CA CYS B 181 -26.74 -9.07 -10.84
C CYS B 181 -25.68 -10.16 -10.91
N VAL B 182 -25.64 -10.82 -12.07
CA VAL B 182 -24.58 -11.80 -12.33
C VAL B 182 -24.29 -11.69 -13.83
N THR B 183 -23.01 -11.82 -14.22
CA THR B 183 -22.67 -11.82 -15.64
C THR B 183 -21.27 -12.42 -15.73
N TYR B 184 -20.93 -12.95 -16.91
CA TYR B 184 -19.61 -13.48 -17.09
C TYR B 184 -18.59 -12.37 -17.03
N ILE B 185 -17.66 -12.49 -16.07
CA ILE B 185 -16.68 -11.40 -15.87
C ILE B 185 -15.50 -11.51 -16.82
N GLY B 186 -14.97 -12.71 -16.98
CA GLY B 186 -13.77 -12.85 -17.81
C GLY B 186 -13.09 -14.16 -17.47
N ALA B 187 -11.93 -14.35 -18.05
CA ALA B 187 -11.18 -15.59 -17.92
C ALA B 187 -10.55 -15.77 -16.56
N ASP B 188 -10.25 -17.02 -16.23
CA ASP B 188 -9.50 -17.39 -15.04
C ASP B 188 -9.85 -16.61 -13.76
N GLY B 189 -8.89 -15.83 -13.23
CA GLY B 189 -9.13 -15.11 -11.94
C GLY B 189 -9.88 -13.79 -12.00
N ALA B 190 -10.45 -13.44 -13.15
CA ALA B 190 -11.09 -12.12 -13.27
C ALA B 190 -12.21 -11.90 -12.27
N GLY B 191 -13.06 -12.92 -12.03
CA GLY B 191 -14.15 -12.74 -11.09
C GLY B 191 -13.69 -12.47 -9.69
N HIS B 192 -12.71 -13.24 -9.20
CA HIS B 192 -12.18 -12.97 -7.84
C HIS B 192 -11.42 -11.68 -7.82
N TYR B 193 -10.84 -11.22 -8.95
CA TYR B 193 -10.18 -9.91 -8.90
C TYR B 193 -11.24 -8.79 -8.72
N VAL B 194 -12.38 -8.93 -9.43
CA VAL B 194 -13.43 -7.94 -9.31
C VAL B 194 -14.01 -7.95 -7.87
N LYS B 195 -14.20 -9.16 -7.25
CA LYS B 195 -14.69 -9.20 -5.91
C LYS B 195 -13.71 -8.50 -4.97
N MET B 196 -12.42 -8.65 -5.19
CA MET B 196 -11.41 -7.98 -4.36
C MET B 196 -11.59 -6.45 -4.49
N VAL B 197 -11.74 -5.97 -5.71
CA VAL B 197 -11.90 -4.51 -5.92
C VAL B 197 -13.21 -4.08 -5.27
N HIS B 198 -14.27 -4.88 -5.38
CA HIS B 198 -15.52 -4.49 -4.66
C HIS B 198 -15.23 -4.30 -3.18
N ASN B 199 -14.49 -5.22 -2.57
CA ASN B 199 -14.19 -5.09 -1.16
C ASN B 199 -13.30 -3.89 -0.88
N GLY B 200 -12.36 -3.58 -1.76
CA GLY B 200 -11.56 -2.39 -1.54
C GLY B 200 -12.49 -1.16 -1.61
N ILE B 201 -13.40 -1.09 -2.58
CA ILE B 201 -14.30 0.06 -2.66
C ILE B 201 -15.15 0.12 -1.41
N GLU B 202 -15.61 -1.04 -0.90
CA GLU B 202 -16.41 -1.06 0.33
C GLU B 202 -15.61 -0.47 1.48
N TYR B 203 -14.30 -0.81 1.58
CA TYR B 203 -13.50 -0.25 2.67
C TYR B 203 -13.49 1.28 2.53
N GLY B 204 -13.37 1.76 1.28
CA GLY B 204 -13.28 3.21 1.07
C GLY B 204 -14.61 3.88 1.41
N ASP B 205 -15.72 3.25 1.05
CA ASP B 205 -17.01 3.87 1.37
C ASP B 205 -17.26 3.96 2.82
N MET B 206 -16.85 2.93 3.57
CA MET B 206 -17.06 2.93 5.02
C MET B 206 -16.13 3.96 5.66
N GLN B 207 -14.89 4.13 5.19
CA GLN B 207 -14.01 5.14 5.80
C GLN B 207 -14.51 6.55 5.46
N LEU B 208 -15.05 6.76 4.26
CA LEU B 208 -15.59 8.08 3.90
C LEU B 208 -16.75 8.38 4.82
N ILE B 209 -17.64 7.43 5.02
CA ILE B 209 -18.75 7.67 5.95
C ILE B 209 -18.25 7.94 7.38
N ALA B 210 -17.21 7.20 7.80
CA ALA B 210 -16.66 7.40 9.14
C ALA B 210 -16.11 8.84 9.28
N GLU B 211 -15.50 9.38 8.20
CA GLU B 211 -14.97 10.74 8.27
C GLU B 211 -16.12 11.75 8.35
N ALA B 212 -17.23 11.50 7.63
CA ALA B 212 -18.38 12.41 7.72
C ALA B 212 -18.91 12.37 9.15
N TYR B 213 -18.96 11.18 9.76
CA TYR B 213 -19.40 11.07 11.15
C TYR B 213 -18.44 11.86 12.03
N SER B 214 -17.13 11.70 11.88
CA SER B 214 -16.16 12.46 12.71
C SER B 214 -16.40 13.97 12.59
N LEU B 215 -16.73 14.43 11.40
CA LEU B 215 -16.91 15.85 11.13
C LEU B 215 -18.17 16.37 11.76
N LEU B 216 -19.26 15.63 11.63
CA LEU B 216 -20.51 16.09 12.21
C LEU B 216 -20.44 16.06 13.70
N LYS B 217 -19.85 15.03 14.28
CA LYS B 217 -19.79 14.96 15.74
C LYS B 217 -18.79 15.94 16.27
N GLY B 218 -17.62 16.04 15.63
CA GLY B 218 -16.58 16.95 16.13
C GLY B 218 -16.85 18.42 15.87
N GLY B 219 -17.39 18.75 14.72
CA GLY B 219 -17.67 20.12 14.35
C GLY B 219 -18.99 20.66 14.91
N LEU B 220 -20.03 19.84 14.95
CA LEU B 220 -21.36 20.33 15.41
C LEU B 220 -21.85 19.72 16.69
N ASN B 221 -21.09 18.78 17.22
CA ASN B 221 -21.52 18.08 18.39
C ASN B 221 -22.91 17.47 18.22
N LEU B 222 -23.22 16.94 17.06
CA LEU B 222 -24.54 16.34 16.91
C LEU B 222 -24.68 15.13 17.82
N THR B 223 -25.90 14.94 18.32
CA THR B 223 -26.21 13.75 19.11
C THR B 223 -26.43 12.57 18.13
N ASN B 224 -26.51 11.35 18.66
CA ASN B 224 -26.72 10.19 17.83
C ASN B 224 -28.04 10.30 17.14
N GLU B 225 -29.05 10.87 17.79
CA GLU B 225 -30.33 11.01 17.12
C GLU B 225 -30.21 11.98 15.97
N GLU B 226 -29.44 13.06 16.13
CA GLU B 226 -29.25 14.03 15.04
C GLU B 226 -28.38 13.43 13.91
N LEU B 227 -27.43 12.59 14.29
CA LEU B 227 -26.62 11.90 13.26
C LEU B 227 -27.54 10.97 12.48
N ALA B 228 -28.44 10.22 13.15
CA ALA B 228 -29.33 9.38 12.39
C ALA B 228 -30.24 10.21 11.46
N GLN B 229 -30.72 11.37 11.91
CA GLN B 229 -31.59 12.18 11.08
C GLN B 229 -30.82 12.70 9.85
N THR B 230 -29.55 13.06 10.06
CA THR B 230 -28.73 13.61 8.99
C THR B 230 -28.50 12.51 7.93
N PHE B 231 -28.11 11.34 8.39
CA PHE B 231 -27.91 10.25 7.42
C PHE B 231 -29.20 9.82 6.74
N THR B 232 -30.34 9.95 7.42
CA THR B 232 -31.62 9.65 6.79
C THR B 232 -31.89 10.63 5.63
N GLU B 233 -31.67 11.92 5.86
CA GLU B 233 -31.86 12.92 4.84
C GLU B 233 -30.90 12.69 3.65
N TRP B 234 -29.66 12.39 3.97
CA TRP B 234 -28.70 12.12 2.89
C TRP B 234 -29.10 10.92 2.04
N ASN B 235 -29.69 9.90 2.71
CA ASN B 235 -30.11 8.67 2.02
C ASN B 235 -31.31 8.92 1.11
N ASN B 236 -31.96 10.08 1.24
CA ASN B 236 -33.11 10.34 0.38
C ASN B 236 -32.69 11.03 -0.91
N GLY B 237 -31.40 11.36 -1.06
CA GLY B 237 -30.93 12.03 -2.25
C GLY B 237 -29.89 11.23 -3.05
N GLU B 238 -28.98 11.95 -3.68
CA GLU B 238 -28.01 11.30 -4.58
C GLU B 238 -27.09 10.34 -3.83
N LEU B 239 -26.90 10.53 -2.54
CA LEU B 239 -26.06 9.61 -1.75
C LEU B 239 -26.74 8.34 -1.37
N SER B 240 -28.00 8.11 -1.72
CA SER B 240 -28.69 6.88 -1.29
C SER B 240 -27.86 5.63 -1.60
N SER B 241 -27.67 4.84 -0.56
CA SER B 241 -26.89 3.59 -0.70
C SER B 241 -27.21 2.70 0.48
N TYR B 242 -26.93 1.42 0.31
CA TYR B 242 -27.13 0.50 1.39
C TYR B 242 -26.30 0.91 2.61
N LEU B 243 -25.03 1.32 2.42
CA LEU B 243 -24.22 1.65 3.57
C LEU B 243 -24.73 2.90 4.31
N ILE B 244 -25.27 3.87 3.59
CA ILE B 244 -25.79 5.02 4.33
C ILE B 244 -27.13 4.62 5.01
N ASP B 245 -27.91 3.76 4.35
CA ASP B 245 -29.23 3.33 4.91
C ASP B 245 -28.95 2.58 6.21
N ILE B 246 -27.96 1.67 6.28
CA ILE B 246 -27.75 1.00 7.54
C ILE B 246 -27.15 1.91 8.59
N THR B 247 -26.37 2.93 8.14
CA THR B 247 -25.78 3.83 9.12
C THR B 247 -26.82 4.59 9.88
N LYS B 248 -27.86 5.02 9.16
CA LYS B 248 -28.95 5.80 9.80
C LYS B 248 -29.62 4.91 10.86
N ASP B 249 -29.66 3.60 10.62
CA ASP B 249 -30.28 2.69 11.60
C ASP B 249 -29.35 2.48 12.78
N ILE B 250 -28.05 2.35 12.53
CA ILE B 250 -27.12 2.08 13.58
C ILE B 250 -27.11 3.18 14.64
N PHE B 251 -27.28 4.43 14.23
CA PHE B 251 -27.18 5.53 15.18
C PHE B 251 -28.34 5.61 16.14
N THR B 252 -29.40 4.84 15.93
CA THR B 252 -30.50 4.86 16.94
C THR B 252 -30.59 3.56 17.73
N LYS B 253 -29.75 2.57 17.43
CA LYS B 253 -29.85 1.28 18.14
C LYS B 253 -29.32 1.31 19.55
N LYS B 254 -30.14 0.82 20.49
CA LYS B 254 -29.72 0.78 21.89
C LYS B 254 -29.68 -0.67 22.33
N ASP B 255 -28.88 -0.96 23.35
CA ASP B 255 -28.80 -2.32 23.87
C ASP B 255 -29.84 -2.48 24.98
N GLU B 256 -29.83 -3.62 25.67
CA GLU B 256 -30.81 -3.90 26.73
C GLU B 256 -30.80 -2.92 27.90
N ASP B 257 -29.69 -2.21 28.08
CA ASP B 257 -29.55 -1.26 29.18
C ASP B 257 -29.84 0.18 28.83
N GLY B 258 -30.13 0.48 27.57
CA GLY B 258 -30.39 1.86 27.24
C GLY B 258 -29.19 2.58 26.61
N ASN B 259 -28.03 1.92 26.53
CA ASN B 259 -26.81 2.51 25.91
C ASN B 259 -26.97 2.50 24.38
N TYR B 260 -26.54 3.58 23.71
CA TYR B 260 -26.48 3.54 22.25
C TYR B 260 -25.33 2.58 21.96
N LEU B 261 -25.55 1.58 21.12
CA LEU B 261 -24.49 0.62 20.80
C LEU B 261 -23.26 1.27 20.21
N VAL B 262 -23.50 2.24 19.34
CA VAL B 262 -22.38 2.89 18.70
C VAL B 262 -21.42 3.48 19.71
N ASP B 263 -21.89 3.87 20.88
CA ASP B 263 -20.94 4.43 21.83
C ASP B 263 -20.26 3.45 22.75
N VAL B 264 -20.65 2.19 22.71
CA VAL B 264 -19.91 1.23 23.53
C VAL B 264 -19.11 0.23 22.74
N ILE B 265 -19.23 0.31 21.42
CA ILE B 265 -18.46 -0.60 20.57
C ILE B 265 -17.01 -0.14 20.52
N LEU B 266 -16.10 -1.08 20.72
CA LEU B 266 -14.68 -0.78 20.68
C LEU B 266 -14.27 -0.38 19.26
N ASP B 267 -13.60 0.76 19.17
CA ASP B 267 -13.11 1.34 17.87
C ASP B 267 -11.83 0.69 17.33
N GLU B 268 -11.88 -0.61 17.10
CA GLU B 268 -10.77 -1.36 16.57
C GLU B 268 -11.35 -2.05 15.34
N ALA B 269 -11.09 -1.51 14.17
CA ALA B 269 -11.67 -2.05 12.93
C ALA B 269 -10.89 -3.22 12.46
N ALA B 270 -11.55 -4.37 12.40
CA ALA B 270 -10.92 -5.60 11.97
C ALA B 270 -10.97 -5.73 10.43
N ASN B 271 -10.37 -6.77 9.90
CA ASN B 271 -10.41 -6.97 8.44
C ASN B 271 -10.00 -8.37 8.09
N LYS B 272 -10.40 -8.81 6.90
CA LYS B 272 -10.01 -10.15 6.46
C LYS B 272 -9.19 -10.11 5.14
N GLY B 273 -8.35 -9.10 4.99
CA GLY B 273 -7.49 -9.11 3.80
C GLY B 273 -7.78 -8.52 2.41
N THR B 274 -9.00 -8.47 1.93
CA THR B 274 -9.21 -8.02 0.51
C THR B 274 -8.94 -6.52 0.33
N GLY B 275 -8.92 -5.87 1.50
CA GLY B 275 -8.59 -4.45 1.52
C GLY B 275 -7.13 -4.39 1.28
N LYS B 276 -6.35 -5.16 2.09
CA LYS B 276 -4.90 -5.08 1.80
C LYS B 276 -4.64 -5.58 0.39
N TRP B 277 -5.36 -6.63 -0.05
CA TRP B 277 -5.02 -7.14 -1.41
C TRP B 277 -5.24 -6.11 -2.51
N THR B 278 -6.31 -5.32 -2.46
CA THR B 278 -6.56 -4.36 -3.52
C THR B 278 -5.39 -3.37 -3.59
N SER B 279 -5.02 -2.84 -2.41
CA SER B 279 -3.90 -1.91 -2.38
C SER B 279 -2.56 -2.54 -2.81
N GLN B 280 -2.30 -3.79 -2.41
CA GLN B 280 -1.06 -4.43 -2.85
C GLN B 280 -1.11 -4.59 -4.35
N SER B 281 -2.27 -4.84 -4.92
CA SER B 281 -2.37 -4.93 -6.40
C SER B 281 -2.17 -3.55 -7.08
N ALA B 282 -2.71 -2.47 -6.47
CA ALA B 282 -2.47 -1.14 -7.02
C ALA B 282 -0.95 -0.90 -7.05
N LEU B 283 -0.26 -1.30 -5.98
CA LEU B 283 1.19 -1.09 -5.92
C LEU B 283 1.90 -1.94 -6.99
N ASP B 284 1.44 -3.16 -7.22
CA ASP B 284 2.03 -3.95 -8.30
C ASP B 284 1.75 -3.41 -9.74
N LEU B 285 0.60 -2.76 -9.94
CA LEU B 285 0.14 -2.29 -11.24
C LEU B 285 0.49 -0.86 -11.58
N GLY B 286 1.06 -0.12 -10.61
CA GLY B 286 1.43 1.27 -10.87
C GLY B 286 0.20 2.20 -10.77
N GLU B 287 -0.84 1.81 -10.04
CA GLU B 287 -2.05 2.66 -9.94
C GLU B 287 -2.05 3.46 -8.66
N PRO B 288 -2.35 4.75 -8.72
CA PRO B 288 -2.36 5.60 -7.51
C PRO B 288 -3.70 5.48 -6.75
N LEU B 289 -3.87 4.38 -6.02
CA LEU B 289 -5.12 4.04 -5.35
C LEU B 289 -5.08 4.58 -3.92
N SER B 290 -4.94 5.89 -3.81
CA SER B 290 -4.77 6.46 -2.51
C SER B 290 -5.93 6.40 -1.54
N LEU B 291 -7.17 6.50 -2.02
CA LEU B 291 -8.23 6.57 -1.05
C LEU B 291 -8.50 5.22 -0.37
N ILE B 292 -8.65 4.17 -1.19
CA ILE B 292 -8.86 2.84 -0.59
C ILE B 292 -7.65 2.46 0.25
N THR B 293 -6.42 2.81 -0.17
CA THR B 293 -5.27 2.42 0.65
C THR B 293 -5.30 3.18 1.98
N GLU B 294 -5.61 4.46 1.94
CA GLU B 294 -5.70 5.17 3.25
C GLU B 294 -6.81 4.57 4.10
N SER B 295 -7.86 4.01 3.50
CA SER B 295 -8.92 3.37 4.30
C SER B 295 -8.37 2.12 5.02
N VAL B 296 -7.54 1.33 4.31
CA VAL B 296 -6.89 0.18 4.96
C VAL B 296 -5.99 0.69 6.10
N PHE B 297 -5.19 1.73 5.85
CA PHE B 297 -4.32 2.20 6.92
C PHE B 297 -5.10 2.75 8.07
N ALA B 298 -6.29 3.32 7.79
CA ALA B 298 -7.10 3.83 8.89
C ALA B 298 -7.58 2.64 9.75
N ARG B 299 -7.92 1.51 9.12
CA ARG B 299 -8.31 0.35 9.94
C ARG B 299 -7.07 -0.09 10.71
N TYR B 300 -5.90 -0.10 10.07
CA TYR B 300 -4.73 -0.54 10.80
C TYR B 300 -4.42 0.33 12.02
N ILE B 301 -4.57 1.65 11.91
CA ILE B 301 -4.21 2.49 13.09
C ILE B 301 -5.31 2.35 14.11
N SER B 302 -6.53 2.08 13.68
CA SER B 302 -7.57 1.86 14.70
C SER B 302 -7.24 0.63 15.53
N SER B 303 -6.56 -0.33 14.94
CA SER B 303 -6.17 -1.57 15.61
C SER B 303 -5.00 -1.39 16.53
N LEU B 304 -4.40 -0.19 16.60
CA LEU B 304 -3.32 0.07 17.54
C LEU B 304 -3.92 0.88 18.71
N LYS B 305 -5.01 0.35 19.26
CA LYS B 305 -5.76 1.06 20.31
C LYS B 305 -4.94 1.38 21.53
N ASP B 306 -4.16 0.46 22.03
CA ASP B 306 -3.38 0.76 23.22
C ASP B 306 -2.38 1.86 22.92
N GLN B 307 -1.77 1.83 21.75
CA GLN B 307 -0.81 2.91 21.42
C GLN B 307 -1.55 4.25 21.32
N ARG B 308 -2.75 4.27 20.74
CA ARG B 308 -3.45 5.55 20.57
C ARG B 308 -3.84 6.09 21.95
N VAL B 309 -4.28 5.21 22.84
CA VAL B 309 -4.68 5.69 24.19
C VAL B 309 -3.45 6.28 24.85
N ALA B 310 -2.31 5.62 24.76
CA ALA B 310 -1.10 6.19 25.36
C ALA B 310 -0.71 7.49 24.73
N ALA B 311 -0.74 7.54 23.40
CA ALA B 311 -0.33 8.77 22.73
C ALA B 311 -1.31 9.94 23.01
N SER B 312 -2.61 9.62 23.16
CA SER B 312 -3.60 10.69 23.41
C SER B 312 -3.25 11.40 24.72
N LYS B 313 -2.47 10.76 25.59
CA LYS B 313 -2.15 11.39 26.90
C LYS B 313 -0.88 12.21 26.85
N VAL B 314 -0.13 12.14 25.76
CA VAL B 314 1.12 12.89 25.69
C VAL B 314 1.29 13.86 24.52
N LEU B 315 0.56 13.59 23.43
CA LEU B 315 0.67 14.44 22.23
C LEU B 315 -0.37 15.53 22.25
N SER B 316 0.03 16.72 21.88
CA SER B 316 -0.88 17.86 21.94
C SER B 316 -1.66 18.10 20.64
N GLY B 317 -2.73 18.87 20.74
CA GLY B 317 -3.48 19.14 19.54
C GLY B 317 -4.47 20.25 19.74
N PRO B 318 -5.07 20.77 18.67
CA PRO B 318 -6.05 21.87 18.81
C PRO B 318 -7.44 21.37 19.17
N GLN B 319 -8.34 22.34 19.40
CA GLN B 319 -9.74 21.95 19.64
C GLN B 319 -10.48 22.29 18.35
N ALA B 320 -11.66 21.70 18.20
CA ALA B 320 -12.48 21.98 17.01
C ALA B 320 -12.77 23.48 16.86
N GLN B 321 -12.72 23.97 15.64
CA GLN B 321 -12.91 25.36 15.37
C GLN B 321 -14.37 25.66 15.21
N PRO B 322 -14.74 26.95 15.23
CA PRO B 322 -16.16 27.30 15.04
C PRO B 322 -16.61 26.78 13.69
N ALA B 323 -17.74 26.10 13.65
CA ALA B 323 -18.24 25.52 12.39
C ALA B 323 -19.13 26.43 11.56
N GLY B 324 -19.63 27.50 12.16
CA GLY B 324 -20.50 28.37 11.39
C GLY B 324 -21.94 27.85 11.36
N ASP B 325 -22.72 28.34 10.39
CA ASP B 325 -24.09 27.92 10.29
C ASP B 325 -24.24 26.38 10.16
N LYS B 326 -25.10 25.79 11.00
CA LYS B 326 -25.33 24.36 11.06
C LYS B 326 -25.72 23.74 9.73
N ALA B 327 -26.75 24.27 9.08
CA ALA B 327 -27.15 23.66 7.84
C ALA B 327 -26.08 23.79 6.75
N GLU B 328 -25.38 24.93 6.68
CA GLU B 328 -24.34 25.08 5.68
C GLU B 328 -23.22 24.07 5.91
N PHE B 329 -22.84 23.86 7.16
CA PHE B 329 -21.76 22.90 7.46
C PHE B 329 -22.20 21.50 7.06
N ILE B 330 -23.44 21.11 7.41
CA ILE B 330 -23.93 19.78 7.03
C ILE B 330 -23.92 19.60 5.52
N GLU B 331 -24.33 20.60 4.77
CA GLU B 331 -24.32 20.44 3.31
C GLU B 331 -22.89 20.35 2.78
N LYS B 332 -21.92 21.08 3.36
CA LYS B 332 -20.54 20.91 2.86
C LYS B 332 -20.01 19.52 3.15
N VAL B 333 -20.29 18.97 4.32
CA VAL B 333 -19.83 17.60 4.61
C VAL B 333 -20.52 16.66 3.62
N ARG B 334 -21.81 16.87 3.34
CA ARG B 334 -22.48 15.97 2.38
C ARG B 334 -21.84 15.96 1.02
N ARG B 335 -21.53 17.18 0.52
CA ARG B 335 -20.91 17.32 -0.79
C ARG B 335 -19.47 16.71 -0.77
N ALA B 336 -18.77 16.87 0.34
CA ALA B 336 -17.37 16.32 0.48
C ALA B 336 -17.47 14.81 0.40
N LEU B 337 -18.47 14.22 1.11
CA LEU B 337 -18.63 12.76 1.08
C LEU B 337 -18.95 12.26 -0.33
N TYR B 338 -19.85 12.95 -1.06
CA TYR B 338 -20.18 12.47 -2.39
C TYR B 338 -19.02 12.62 -3.35
N LEU B 339 -18.30 13.74 -3.34
CA LEU B 339 -17.14 13.88 -4.23
C LEU B 339 -16.01 12.90 -3.81
N GLY B 340 -15.88 12.62 -2.53
CA GLY B 340 -14.89 11.64 -2.06
C GLY B 340 -15.21 10.27 -2.66
N LYS B 341 -16.50 9.91 -2.67
CA LYS B 341 -16.89 8.66 -3.27
C LYS B 341 -16.52 8.63 -4.74
N ILE B 342 -16.81 9.73 -5.45
CA ILE B 342 -16.52 9.77 -6.84
C ILE B 342 -15.01 9.54 -7.07
N VAL B 343 -14.18 10.18 -6.29
CA VAL B 343 -12.73 9.98 -6.46
C VAL B 343 -12.31 8.54 -6.13
N SER B 344 -12.91 7.97 -5.09
CA SER B 344 -12.54 6.59 -4.77
C SER B 344 -12.88 5.62 -5.89
N TYR B 345 -14.10 5.76 -6.43
CA TYR B 345 -14.50 4.90 -7.54
C TYR B 345 -13.73 5.18 -8.81
N ALA B 346 -13.36 6.45 -9.07
CA ALA B 346 -12.54 6.70 -10.27
C ALA B 346 -11.22 5.98 -10.11
N GLN B 347 -10.63 6.00 -8.91
CA GLN B 347 -9.38 5.26 -8.71
C GLN B 347 -9.62 3.74 -8.86
N GLY B 348 -10.70 3.20 -8.31
CA GLY B 348 -10.96 1.75 -8.38
C GLY B 348 -11.23 1.31 -9.80
N PHE B 349 -12.03 2.06 -10.58
CA PHE B 349 -12.26 1.62 -11.98
C PHE B 349 -11.04 1.77 -12.85
N SER B 350 -10.17 2.74 -12.55
CA SER B 350 -8.89 2.84 -13.29
C SER B 350 -8.03 1.61 -12.95
N GLN B 351 -8.07 1.16 -11.72
CA GLN B 351 -7.32 -0.07 -11.37
C GLN B 351 -7.91 -1.27 -12.11
N LEU B 352 -9.24 -1.38 -12.23
CA LEU B 352 -9.81 -2.48 -12.99
C LEU B 352 -9.26 -2.47 -14.41
N ARG B 353 -9.11 -1.31 -15.03
CA ARG B 353 -8.56 -1.25 -16.42
C ARG B 353 -7.12 -1.72 -16.42
N ALA B 354 -6.31 -1.30 -15.45
CA ALA B 354 -4.92 -1.70 -15.44
C ALA B 354 -4.81 -3.22 -15.22
N ALA B 355 -5.68 -3.77 -14.37
CA ALA B 355 -5.61 -5.19 -14.13
C ALA B 355 -6.08 -5.95 -15.39
N SER B 356 -7.10 -5.42 -16.06
CA SER B 356 -7.61 -6.09 -17.25
C SER B 356 -6.48 -6.18 -18.28
N GLU B 357 -5.72 -5.10 -18.42
CA GLU B 357 -4.62 -5.10 -19.39
C GLU B 357 -3.50 -6.05 -18.99
N GLU B 358 -3.12 -6.07 -17.72
CA GLU B 358 -2.03 -6.90 -17.25
C GLU B 358 -2.39 -8.39 -17.31
N TYR B 359 -3.63 -8.72 -16.97
CA TYR B 359 -4.00 -10.13 -16.87
C TYR B 359 -4.77 -10.68 -18.05
N ASN B 360 -4.95 -9.83 -19.04
CA ASN B 360 -5.59 -10.15 -20.32
C ASN B 360 -7.04 -10.58 -20.18
N TRP B 361 -7.83 -9.74 -19.51
CA TRP B 361 -9.25 -10.08 -19.31
C TRP B 361 -10.31 -9.38 -20.17
N ASP B 362 -9.94 -8.30 -20.86
CA ASP B 362 -10.88 -7.52 -21.65
C ASP B 362 -12.19 -7.29 -20.85
N LEU B 363 -12.00 -6.79 -19.62
CA LEU B 363 -13.15 -6.52 -18.75
C LEU B 363 -14.16 -5.54 -19.32
N ASN B 364 -15.45 -5.77 -18.95
CA ASN B 364 -16.51 -4.86 -19.44
C ASN B 364 -16.93 -4.05 -18.18
N TYR B 365 -16.36 -2.85 -18.10
CA TYR B 365 -16.54 -2.04 -16.90
C TYR B 365 -17.99 -1.65 -16.61
N GLY B 366 -18.77 -1.36 -17.67
CA GLY B 366 -20.16 -0.99 -17.49
C GLY B 366 -20.96 -2.17 -16.93
N GLU B 367 -20.65 -3.39 -17.38
CA GLU B 367 -21.34 -4.59 -16.90
C GLU B 367 -20.96 -4.87 -15.45
N ILE B 368 -19.74 -4.59 -15.07
CA ILE B 368 -19.32 -4.79 -13.65
C ILE B 368 -20.11 -3.80 -12.80
N ALA B 369 -20.17 -2.52 -13.21
CA ALA B 369 -20.94 -1.56 -12.39
C ALA B 369 -22.41 -1.99 -12.34
N LYS B 370 -22.92 -2.55 -13.43
CA LYS B 370 -24.33 -2.94 -13.48
C LYS B 370 -24.65 -3.99 -12.44
N ILE B 371 -23.77 -4.98 -12.27
CA ILE B 371 -24.07 -6.02 -11.29
C ILE B 371 -23.92 -5.58 -9.85
N PHE B 372 -23.36 -4.37 -9.64
CA PHE B 372 -23.22 -3.82 -8.30
C PHE B 372 -24.38 -2.87 -7.94
N ARG B 373 -25.39 -2.76 -8.82
CA ARG B 373 -26.53 -1.89 -8.53
C ARG B 373 -27.45 -2.45 -7.44
N ALA B 374 -27.40 -3.77 -7.23
CA ALA B 374 -28.18 -4.45 -6.20
C ALA B 374 -27.34 -5.61 -5.70
N GLY B 375 -27.80 -6.24 -4.62
CA GLY B 375 -27.09 -7.38 -4.06
C GLY B 375 -25.92 -7.05 -3.15
N CYS B 376 -24.88 -6.48 -3.73
CA CYS B 376 -23.65 -6.21 -3.01
C CYS B 376 -23.71 -5.16 -1.94
N ILE B 377 -22.65 -5.08 -1.16
CA ILE B 377 -22.64 -4.14 -0.05
C ILE B 377 -22.57 -2.69 -0.53
N ILE B 378 -21.86 -2.45 -1.63
CA ILE B 378 -21.74 -1.06 -2.13
C ILE B 378 -22.91 -0.63 -2.98
N ARG B 379 -24.00 -1.43 -3.01
CA ARG B 379 -25.14 -1.07 -3.87
C ARG B 379 -25.70 0.32 -3.58
N ALA B 380 -26.06 1.02 -4.66
CA ALA B 380 -26.53 2.41 -4.59
C ALA B 380 -26.90 2.86 -5.99
N GLN B 381 -27.77 3.88 -6.09
CA GLN B 381 -28.09 4.39 -7.45
C GLN B 381 -26.82 4.99 -8.14
N PHE B 382 -25.84 5.32 -7.32
CA PHE B 382 -24.56 5.83 -7.77
C PHE B 382 -23.98 4.87 -8.86
N LEU B 383 -24.17 3.56 -8.66
CA LEU B 383 -23.60 2.61 -9.63
C LEU B 383 -24.24 2.76 -11.00
N GLN B 384 -25.49 3.28 -11.09
CA GLN B 384 -26.06 3.53 -12.39
C GLN B 384 -25.32 4.72 -13.10
N LYS B 385 -24.86 5.70 -12.33
CA LYS B 385 -24.09 6.81 -12.93
C LYS B 385 -22.81 6.28 -13.59
N ILE B 386 -22.17 5.28 -12.95
CA ILE B 386 -20.97 4.72 -13.54
C ILE B 386 -21.34 3.87 -14.72
N THR B 387 -22.37 3.01 -14.59
CA THR B 387 -22.81 2.20 -15.71
C THR B 387 -23.07 3.08 -16.95
N ASP B 388 -23.77 4.20 -16.78
CA ASP B 388 -24.09 5.06 -17.92
C ASP B 388 -22.86 5.74 -18.51
N ALA B 389 -21.90 6.16 -17.70
CA ALA B 389 -20.68 6.78 -18.24
C ALA B 389 -19.89 5.73 -19.05
N CYS B 390 -19.84 4.49 -18.55
CA CYS B 390 -19.12 3.46 -19.30
C CYS B 390 -19.85 3.07 -20.59
N ALA B 391 -21.18 3.05 -20.54
CA ALA B 391 -21.97 2.73 -21.74
C ALA B 391 -21.66 3.75 -22.79
N GLU B 392 -21.59 5.02 -22.42
CA GLU B 392 -21.31 6.03 -23.41
C GLU B 392 -19.90 5.98 -23.94
N ASN B 393 -18.96 5.54 -23.11
CA ASN B 393 -17.54 5.51 -23.54
C ASN B 393 -16.92 4.29 -22.87
N PRO B 394 -17.03 3.12 -23.47
CA PRO B 394 -16.48 1.89 -22.87
C PRO B 394 -15.03 1.88 -22.47
N GLN B 395 -14.20 2.68 -23.10
CA GLN B 395 -12.79 2.65 -22.68
C GLN B 395 -12.35 3.96 -22.05
N ILE B 396 -13.30 4.63 -21.43
CA ILE B 396 -13.00 5.86 -20.70
C ILE B 396 -11.84 5.59 -19.77
N ALA B 397 -10.88 6.52 -19.72
CA ALA B 397 -9.70 6.25 -18.88
C ALA B 397 -9.93 6.48 -17.40
N ASN B 398 -10.77 7.44 -17.10
CA ASN B 398 -11.00 7.78 -15.68
C ASN B 398 -12.38 8.40 -15.59
N LEU B 399 -13.19 7.90 -14.64
CA LEU B 399 -14.59 8.41 -14.48
C LEU B 399 -14.68 9.92 -14.27
N LEU B 400 -13.61 10.57 -13.76
CA LEU B 400 -13.67 12.02 -13.51
C LEU B 400 -13.87 12.76 -14.83
N LEU B 401 -13.50 12.16 -15.93
CA LEU B 401 -13.66 12.83 -17.23
C LEU B 401 -15.06 12.75 -17.77
N ALA B 402 -15.91 11.88 -17.26
CA ALA B 402 -17.27 11.74 -17.79
C ALA B 402 -18.05 12.99 -17.36
N PRO B 403 -18.87 13.57 -18.26
CA PRO B 403 -19.62 14.78 -17.90
C PRO B 403 -20.33 14.81 -16.57
N TYR B 404 -21.02 13.72 -16.22
CA TYR B 404 -21.71 13.78 -14.93
C TYR B 404 -20.74 14.02 -13.77
N PHE B 405 -19.67 13.22 -13.74
CA PHE B 405 -18.69 13.30 -12.66
C PHE B 405 -17.89 14.55 -12.67
N LYS B 406 -17.51 14.98 -13.87
CA LYS B 406 -16.76 16.22 -14.01
C LYS B 406 -17.56 17.41 -13.42
N GLN B 407 -18.86 17.46 -13.74
CA GLN B 407 -19.69 18.56 -13.25
C GLN B 407 -19.93 18.49 -11.78
N ILE B 408 -20.06 17.27 -11.21
CA ILE B 408 -20.18 17.22 -9.73
C ILE B 408 -18.87 17.75 -9.13
N ALA B 409 -17.72 17.39 -9.68
CA ALA B 409 -16.49 17.91 -9.15
C ALA B 409 -16.41 19.42 -9.26
N ASP B 410 -16.91 19.96 -10.36
CA ASP B 410 -16.93 21.44 -10.48
C ASP B 410 -17.79 22.03 -9.36
N ASP B 411 -18.96 21.45 -9.12
CA ASP B 411 -19.91 22.01 -8.14
C ASP B 411 -19.53 21.78 -6.69
N TYR B 412 -18.91 20.65 -6.40
CA TYR B 412 -18.68 20.25 -5.02
C TYR B 412 -17.26 20.35 -4.49
N GLN B 413 -16.31 20.64 -5.38
CA GLN B 413 -14.94 20.67 -4.88
C GLN B 413 -14.66 21.75 -3.86
N GLN B 414 -15.36 22.89 -3.93
CA GLN B 414 -15.08 23.92 -2.93
C GLN B 414 -15.55 23.48 -1.54
N ALA B 415 -16.69 22.75 -1.47
CA ALA B 415 -17.15 22.24 -0.18
C ALA B 415 -16.11 21.25 0.37
N LEU B 416 -15.61 20.39 -0.51
CA LEU B 416 -14.59 19.40 -0.07
C LEU B 416 -13.36 20.11 0.44
N ARG B 417 -12.89 21.13 -0.28
CA ARG B 417 -11.71 21.88 0.18
C ARG B 417 -11.97 22.57 1.55
N ASP B 418 -13.16 23.14 1.67
CA ASP B 418 -13.53 23.80 2.95
C ASP B 418 -13.57 22.82 4.12
N VAL B 419 -14.16 21.63 3.88
CA VAL B 419 -14.22 20.60 4.89
C VAL B 419 -12.83 20.10 5.28
N VAL B 420 -11.97 19.88 4.29
CA VAL B 420 -10.63 19.43 4.65
C VAL B 420 -9.87 20.51 5.45
N ALA B 421 -9.98 21.77 5.01
CA ALA B 421 -9.28 22.86 5.74
C ALA B 421 -9.84 22.94 7.18
N TYR B 422 -11.18 22.86 7.33
CA TYR B 422 -11.75 22.90 8.66
C TYR B 422 -11.26 21.75 9.50
N ALA B 423 -11.26 20.53 8.94
CA ALA B 423 -10.84 19.38 9.72
C ALA B 423 -9.38 19.49 10.17
N VAL B 424 -8.51 19.90 9.26
CA VAL B 424 -7.12 20.02 9.60
C VAL B 424 -6.90 21.10 10.67
N GLN B 425 -7.61 22.22 10.58
CA GLN B 425 -7.45 23.25 11.63
C GLN B 425 -8.04 22.81 12.95
N ASN B 426 -9.00 21.90 12.90
CA ASN B 426 -9.63 21.38 14.10
C ASN B 426 -9.03 20.15 14.72
N GLY B 427 -8.05 19.55 14.04
CA GLY B 427 -7.48 18.31 14.56
C GLY B 427 -8.33 17.04 14.35
N ILE B 428 -9.27 17.07 13.40
CA ILE B 428 -10.15 15.95 13.14
C ILE B 428 -9.49 15.22 11.97
N PRO B 429 -9.11 13.94 12.16
CA PRO B 429 -8.43 13.26 11.02
C PRO B 429 -9.34 12.97 9.84
N VAL B 430 -8.91 13.37 8.64
CA VAL B 430 -9.74 13.11 7.45
C VAL B 430 -8.79 12.52 6.36
N PRO B 431 -8.29 11.32 6.61
CA PRO B 431 -7.35 10.75 5.60
C PRO B 431 -7.90 10.58 4.18
N THR B 432 -9.12 10.07 4.04
CA THR B 432 -9.68 9.91 2.70
C THR B 432 -10.19 11.19 2.08
N PHE B 433 -10.78 12.11 2.86
CA PHE B 433 -11.20 13.38 2.20
C PHE B 433 -9.93 14.13 1.73
N SER B 434 -8.88 14.08 2.55
CA SER B 434 -7.57 14.69 2.26
C SER B 434 -7.01 14.07 0.98
N ALA B 435 -7.00 12.75 0.96
CA ALA B 435 -6.48 12.06 -0.21
C ALA B 435 -7.28 12.40 -1.43
N ALA B 436 -8.59 12.56 -1.28
CA ALA B 436 -9.38 12.86 -2.47
C ALA B 436 -8.97 14.21 -3.07
N VAL B 437 -8.76 15.23 -2.25
CA VAL B 437 -8.32 16.53 -2.79
C VAL B 437 -6.92 16.40 -3.44
N ALA B 438 -6.01 15.70 -2.76
CA ALA B 438 -4.65 15.60 -3.32
C ALA B 438 -4.68 14.85 -4.63
N TYR B 439 -5.54 13.82 -4.76
CA TYR B 439 -5.57 13.11 -6.02
C TYR B 439 -6.19 13.98 -7.12
N TYR B 440 -7.29 14.65 -6.82
CA TYR B 440 -7.97 15.47 -7.84
C TYR B 440 -6.97 16.53 -8.34
N ASP B 441 -6.24 17.14 -7.42
CA ASP B 441 -5.31 18.21 -7.80
C ASP B 441 -4.05 17.68 -8.51
N SER B 442 -3.70 16.39 -8.29
CA SER B 442 -2.56 15.83 -9.01
C SER B 442 -2.99 15.30 -10.35
N TYR B 443 -4.18 14.68 -10.43
CA TYR B 443 -4.61 14.11 -11.71
C TYR B 443 -4.84 15.18 -12.76
N ARG B 444 -5.27 16.36 -12.34
CA ARG B 444 -5.55 17.44 -13.31
C ARG B 444 -4.34 18.31 -13.59
N ALA B 445 -3.22 18.01 -12.94
CA ALA B 445 -2.01 18.83 -13.11
C ALA B 445 -1.19 18.36 -14.28
N ALA B 446 -1.02 19.25 -15.28
CA ALA B 446 -0.23 18.91 -16.44
C ALA B 446 1.25 18.83 -16.05
N VAL B 447 1.63 19.59 -15.05
CA VAL B 447 3.02 19.48 -14.57
C VAL B 447 3.00 19.35 -13.02
N LEU B 448 3.79 18.40 -12.55
CA LEU B 448 3.92 18.09 -11.13
C LEU B 448 5.42 18.31 -10.78
N PRO B 449 5.75 18.33 -9.49
CA PRO B 449 7.14 18.54 -9.06
C PRO B 449 8.00 17.30 -9.20
N ALA B 450 7.53 16.32 -9.95
CA ALA B 450 8.33 15.12 -10.24
C ALA B 450 9.55 15.51 -11.08
N ASN B 451 9.56 16.69 -11.73
CA ASN B 451 10.79 17.13 -12.42
C ASN B 451 11.95 17.21 -11.42
N LEU B 452 11.67 17.70 -10.21
CA LEU B 452 12.73 17.80 -9.18
C LEU B 452 13.14 16.41 -8.74
N ILE B 453 12.17 15.50 -8.58
CA ILE B 453 12.53 14.15 -8.14
C ILE B 453 13.44 13.49 -9.19
N GLN B 454 13.12 13.66 -10.48
CA GLN B 454 13.97 13.11 -11.53
C GLN B 454 15.36 13.75 -11.51
N ALA B 455 15.47 15.05 -11.25
CA ALA B 455 16.80 15.73 -11.18
C ALA B 455 17.56 15.18 -10.00
N GLN B 456 16.88 14.95 -8.86
CA GLN B 456 17.60 14.40 -7.67
C GLN B 456 18.12 13.02 -7.99
N ARG B 457 17.30 12.15 -8.56
CA ARG B 457 17.76 10.79 -8.91
C ARG B 457 18.94 10.81 -9.87
N ASP B 458 18.99 11.77 -10.79
CA ASP B 458 20.11 11.84 -11.70
C ASP B 458 21.34 12.30 -10.95
N TYR B 459 21.16 13.23 -10.02
CA TYR B 459 22.27 13.78 -9.25
C TYR B 459 22.93 12.71 -8.36
N PHE B 460 22.15 12.06 -7.51
CA PHE B 460 22.76 11.10 -6.61
C PHE B 460 22.98 9.71 -7.17
N GLY B 461 22.26 9.34 -8.20
CA GLY B 461 22.43 8.01 -8.76
C GLY B 461 22.66 7.90 -10.25
N ALA B 462 22.84 9.02 -10.94
CA ALA B 462 23.04 9.00 -12.39
C ALA B 462 21.96 8.21 -13.16
N HIS B 463 20.71 8.27 -12.68
CA HIS B 463 19.62 7.55 -13.32
C HIS B 463 19.12 8.03 -14.68
N THR B 464 19.55 9.21 -15.08
CA THR B 464 19.17 9.89 -16.36
C THR B 464 17.75 10.41 -16.30
N TYR B 465 17.48 11.40 -17.15
CA TYR B 465 16.11 11.94 -17.18
C TYR B 465 15.81 12.31 -18.63
N LYS B 466 14.54 12.58 -18.89
CA LYS B 466 14.09 13.01 -20.20
C LYS B 466 13.75 14.49 -20.15
N ARG B 467 13.70 15.11 -21.34
CA ARG B 467 13.44 16.54 -21.44
C ARG B 467 12.16 16.82 -22.18
N ILE B 468 11.61 18.02 -21.96
CA ILE B 468 10.36 18.36 -22.67
C ILE B 468 10.62 19.00 -24.04
N ASP B 469 11.89 19.21 -24.40
CA ASP B 469 12.19 19.92 -25.65
C ASP B 469 13.05 19.18 -26.63
N LYS B 470 13.43 17.96 -26.30
CA LYS B 470 14.25 17.16 -27.22
C LYS B 470 14.17 15.69 -26.85
N GLU B 471 14.44 14.81 -27.82
CA GLU B 471 14.42 13.39 -27.64
C GLU B 471 15.67 12.88 -26.92
N GLY B 472 15.45 11.74 -26.29
CA GLY B 472 16.51 11.00 -25.61
C GLY B 472 16.60 11.11 -24.12
N VAL B 473 17.63 10.42 -23.61
CA VAL B 473 17.89 10.45 -22.19
C VAL B 473 19.13 11.27 -21.94
N PHE B 474 19.14 11.91 -20.78
CA PHE B 474 20.22 12.79 -20.44
C PHE B 474 20.73 12.57 -19.04
N HIS B 475 22.01 12.90 -18.84
CA HIS B 475 22.67 12.82 -17.55
C HIS B 475 23.47 14.07 -17.45
N THR B 476 23.35 14.74 -16.32
CA THR B 476 24.00 16.02 -16.07
C THR B 476 24.99 16.00 -14.88
N GLU B 477 26.00 16.90 -14.95
CA GLU B 477 26.94 17.09 -13.85
C GLU B 477 26.39 18.35 -13.21
N TRP B 478 25.55 18.12 -12.20
CA TRP B 478 24.86 19.19 -11.53
C TRP B 478 25.69 20.25 -10.85
N LEU B 479 26.90 19.89 -10.47
CA LEU B 479 27.82 20.87 -9.88
C LEU B 479 28.80 21.32 -10.97
#